data_4BDU
#
_entry.id   4BDU
#
_cell.length_a   112.314
_cell.length_b   112.314
_cell.length_c   293.270
_cell.angle_alpha   90.00
_cell.angle_beta   90.00
_cell.angle_gamma   120.00
#
_symmetry.space_group_name_H-M   'P 64'
#
loop_
_entity.id
_entity.type
_entity.pdbx_description
1 polymer 'GREEN FLUORESCENT PROTEIN, APOPTOSIS REGULATOR BAX'
2 water water
#
_entity_poly.entity_id   1
_entity_poly.type   'polypeptide(L)'
_entity_poly.pdbx_seq_one_letter_code
;GSHMSKGEELFTGVVPILVELDGDVNGHKFSVSGEGEGDATYGKLTLKFICTTGKLPVPWPTLVTTF(CR2)VQCFSRYP
DHMKQHDFFKSAMPEGYVQERTIFFKDDGNYKTRAEVKFEGDTLVNRIELKGIDFKEDGNILGHKLEYNYNSHNVYIMAD
KQKNGIKVNFKIRHNIEDGSVQLADHYQQNTPIGDGPVLLPDNHYLSTQSNLSKDPNEKRDHMVLLEFVTAAGITGSDAS
TKKLSESLKRIGDELDSNMELQRMIAAVDTDSPREVFFRVAADMFSDGNFNWGRVVALFYFASKLVLKALSTK
;
_entity_poly.pdbx_strand_id   A,B,C,D
#
# COMPACT_ATOMS: atom_id res chain seq x y z
N SER A 5 9.50 -17.01 11.22
CA SER A 5 10.78 -16.81 11.89
C SER A 5 11.38 -18.10 12.48
N LYS A 6 12.71 -18.17 12.48
CA LYS A 6 13.42 -19.31 13.05
C LYS A 6 13.48 -19.17 14.58
N GLY A 7 13.37 -17.93 15.04
CA GLY A 7 13.35 -17.66 16.46
C GLY A 7 12.12 -18.22 17.14
N GLU A 8 11.00 -18.23 16.42
CA GLU A 8 9.72 -18.67 16.95
C GLU A 8 9.79 -20.07 17.56
N GLU A 9 10.65 -20.93 17.02
CA GLU A 9 10.76 -22.31 17.49
C GLU A 9 11.56 -22.44 18.78
N LEU A 10 12.08 -21.32 19.30
CA LEU A 10 12.79 -21.33 20.57
C LEU A 10 11.82 -21.05 21.72
N PHE A 11 10.64 -20.53 21.39
CA PHE A 11 9.72 -19.99 22.39
C PHE A 11 8.44 -20.79 22.67
N THR A 12 8.31 -21.93 22.00
CA THR A 12 7.37 -22.96 22.44
C THR A 12 7.89 -23.54 23.77
N GLY A 13 6.98 -23.89 24.68
CA GLY A 13 7.38 -24.42 25.97
C GLY A 13 8.15 -23.48 26.89
N VAL A 14 7.99 -23.68 28.19
CA VAL A 14 8.61 -22.85 29.25
C VAL A 14 10.13 -22.65 29.13
N VAL A 15 10.56 -21.39 28.98
CA VAL A 15 11.99 -21.04 28.86
C VAL A 15 12.54 -20.42 30.14
N PRO A 16 13.74 -20.86 30.57
CA PRO A 16 14.35 -20.24 31.75
C PRO A 16 14.93 -18.83 31.49
N ILE A 17 14.65 -17.91 32.42
CA ILE A 17 15.11 -16.52 32.33
C ILE A 17 16.04 -16.15 33.47
N LEU A 18 17.04 -15.35 33.13
CA LEU A 18 18.05 -14.90 34.07
C LEU A 18 18.34 -13.42 33.76
N VAL A 19 18.31 -12.56 34.79
CA VAL A 19 18.49 -11.12 34.59
C VAL A 19 19.59 -10.50 35.47
N GLU A 20 20.48 -9.71 34.84
CA GLU A 20 21.53 -8.94 35.51
C GLU A 20 21.42 -7.41 35.30
N LEU A 21 21.35 -6.66 36.40
CA LEU A 21 21.32 -5.19 36.34
C LEU A 21 22.43 -4.49 37.17
N ASP A 22 23.09 -3.49 36.56
CA ASP A 22 23.98 -2.55 37.27
C ASP A 22 23.45 -1.12 37.20
N GLY A 23 22.99 -0.59 38.32
CA GLY A 23 22.38 0.73 38.37
C GLY A 23 23.19 1.80 39.06
N ASP A 24 22.91 3.04 38.68
CA ASP A 24 23.58 4.23 39.21
C ASP A 24 22.60 5.42 39.16
N VAL A 25 21.92 5.69 40.28
CA VAL A 25 20.92 6.77 40.33
C VAL A 25 21.25 7.86 41.37
N ASN A 26 21.59 9.04 40.86
CA ASN A 26 22.08 10.16 41.68
C ASN A 26 23.25 9.68 42.55
N GLY A 27 24.21 9.07 41.89
CA GLY A 27 25.39 8.52 42.55
C GLY A 27 25.15 7.36 43.50
N HIS A 28 23.89 6.91 43.64
CA HIS A 28 23.61 5.63 44.31
C HIS A 28 23.80 4.49 43.33
N LYS A 29 24.79 3.67 43.61
CA LYS A 29 25.02 2.49 42.79
C LYS A 29 24.21 1.36 43.42
N PHE A 30 23.98 0.30 42.65
CA PHE A 30 23.27 -0.90 43.12
C PHE A 30 23.28 -1.99 42.06
N SER A 31 23.00 -3.22 42.49
CA SER A 31 22.92 -4.35 41.58
C SER A 31 21.75 -5.27 41.87
N VAL A 32 21.11 -5.72 40.80
CA VAL A 32 20.00 -6.66 40.88
C VAL A 32 20.20 -7.89 40.00
N SER A 33 19.97 -9.06 40.59
CA SER A 33 19.95 -10.34 39.87
C SER A 33 18.56 -10.98 39.91
N GLY A 34 18.06 -11.36 38.74
CA GLY A 34 16.75 -11.97 38.67
C GLY A 34 16.75 -13.30 37.95
N GLU A 35 15.92 -14.22 38.45
CA GLU A 35 15.72 -15.49 37.76
C GLU A 35 14.26 -15.92 37.70
N GLY A 36 13.92 -16.66 36.65
CA GLY A 36 12.63 -17.31 36.56
C GLY A 36 12.39 -17.90 35.18
N GLU A 37 11.13 -17.90 34.76
CA GLU A 37 10.73 -18.53 33.52
C GLU A 37 9.56 -17.83 32.85
N GLY A 38 9.50 -17.98 31.53
CA GLY A 38 8.46 -17.38 30.73
C GLY A 38 7.85 -18.35 29.74
N ASP A 39 6.54 -18.28 29.59
CA ASP A 39 5.79 -19.13 28.68
C ASP A 39 5.14 -18.29 27.58
N ALA A 40 5.85 -18.11 26.46
CA ALA A 40 5.35 -17.28 25.35
C ALA A 40 3.95 -17.67 24.90
N THR A 41 3.75 -18.98 24.75
CA THR A 41 2.50 -19.58 24.33
C THR A 41 1.26 -18.99 25.03
N TYR A 42 1.40 -18.62 26.30
CA TYR A 42 0.27 -18.03 27.01
C TYR A 42 0.60 -16.64 27.53
N GLY A 43 1.65 -16.05 26.93
CA GLY A 43 2.10 -14.71 27.25
C GLY A 43 2.35 -14.50 28.72
N LYS A 44 3.17 -15.35 29.31
CA LYS A 44 3.29 -15.39 30.76
C LYS A 44 4.73 -15.25 31.21
N LEU A 45 4.93 -14.42 32.23
CA LEU A 45 6.26 -14.20 32.81
C LEU A 45 6.18 -14.35 34.33
N THR A 46 7.14 -15.06 34.91
CA THR A 46 7.30 -15.07 36.37
C THR A 46 8.78 -14.85 36.67
N LEU A 47 9.06 -13.89 37.56
CA LEU A 47 10.44 -13.49 37.82
C LEU A 47 10.62 -13.10 39.26
N LYS A 48 11.77 -13.47 39.83
CA LYS A 48 12.16 -13.03 41.17
C LYS A 48 13.46 -12.24 41.16
N PHE A 49 13.38 -11.09 41.81
CA PHE A 49 14.51 -10.20 41.93
C PHE A 49 15.00 -10.09 43.36
N ILE A 50 16.31 -10.23 43.51
CA ILE A 50 17.01 -10.05 44.77
C ILE A 50 17.92 -8.82 44.62
N CYS A 51 17.83 -7.88 45.55
CA CYS A 51 18.86 -6.84 45.60
C CYS A 51 20.17 -7.38 46.18
N THR A 52 21.20 -7.50 45.33
CA THR A 52 22.48 -8.12 45.69
C THR A 52 23.48 -7.15 46.36
N THR A 53 23.08 -5.89 46.49
CA THR A 53 23.93 -4.87 47.11
C THR A 53 23.33 -4.31 48.40
N GLY A 54 22.32 -4.99 48.94
CA GLY A 54 21.69 -4.55 50.18
C GLY A 54 20.28 -4.07 49.93
N LYS A 55 19.95 -2.89 50.47
CA LYS A 55 18.67 -2.24 50.18
C LYS A 55 18.71 -1.49 48.87
N LEU A 56 17.53 -1.23 48.33
CA LEU A 56 17.42 -0.61 47.04
C LEU A 56 17.28 0.92 47.18
N PRO A 57 18.07 1.68 46.41
CA PRO A 57 17.98 3.14 46.44
C PRO A 57 16.61 3.66 45.98
N VAL A 58 16.09 3.05 44.92
CA VAL A 58 14.88 3.49 44.24
C VAL A 58 13.73 2.55 44.61
N PRO A 59 12.45 2.97 44.38
CA PRO A 59 11.38 2.03 44.73
C PRO A 59 11.37 0.88 43.73
N TRP A 60 10.89 -0.28 44.16
CA TRP A 60 10.86 -1.42 43.24
C TRP A 60 10.03 -1.15 41.98
N PRO A 61 8.78 -0.64 42.11
CA PRO A 61 7.92 -0.36 40.95
C PRO A 61 8.59 0.37 39.79
N THR A 62 9.58 1.23 40.06
CA THR A 62 10.24 2.01 39.01
C THR A 62 11.05 1.21 38.01
N LEU A 63 11.27 -0.07 38.30
CA LEU A 63 12.19 -0.88 37.50
C LEU A 63 11.52 -2.00 36.72
N VAL A 64 10.26 -2.29 37.05
CA VAL A 64 9.46 -3.33 36.41
C VAL A 64 9.66 -3.40 34.91
N THR A 65 9.64 -2.25 34.26
CA THR A 65 9.74 -2.20 32.81
C THR A 65 11.16 -2.45 32.35
N THR A 66 12.11 -2.22 33.24
CA THR A 66 13.48 -2.29 32.79
C THR A 66 13.86 -3.74 32.83
N PHE A 67 13.32 -4.39 33.87
CA PHE A 67 13.57 -5.81 34.14
C PHE A 67 12.74 -6.79 33.24
N VAL A 69 11.18 -8.25 28.85
CA VAL A 69 11.41 -9.45 28.09
C VAL A 69 10.44 -9.73 27.02
N GLN A 70 10.13 -8.65 26.30
CA GLN A 70 8.96 -8.63 25.44
C GLN A 70 8.92 -9.69 24.34
N CYS A 71 9.94 -10.54 24.30
CA CYS A 71 9.96 -11.72 23.46
C CYS A 71 9.07 -12.83 24.04
N PHE A 72 8.49 -12.61 25.21
CA PHE A 72 7.62 -13.60 25.83
C PHE A 72 6.18 -13.13 25.72
N SER A 73 5.93 -12.20 24.82
CA SER A 73 4.56 -11.79 24.56
C SER A 73 3.88 -12.88 23.75
N ARG A 74 2.57 -13.02 23.93
CA ARG A 74 1.81 -13.95 23.11
C ARG A 74 1.29 -13.28 21.85
N TYR A 75 1.82 -13.69 20.71
CA TYR A 75 1.35 -13.23 19.42
C TYR A 75 0.29 -14.18 18.85
N PRO A 76 -0.94 -13.67 18.59
CA PRO A 76 -1.96 -14.46 17.92
C PRO A 76 -1.44 -14.89 16.55
N ASP A 77 -1.99 -15.98 16.01
CA ASP A 77 -1.48 -16.58 14.79
C ASP A 77 -1.50 -15.63 13.59
N HIS A 78 -2.56 -14.83 13.49
CA HIS A 78 -2.69 -13.90 12.38
C HIS A 78 -1.72 -12.72 12.46
N MET A 79 -0.96 -12.65 13.56
CA MET A 79 -0.01 -11.56 13.80
C MET A 79 1.45 -12.02 13.73
N LYS A 80 1.68 -13.29 14.07
CA LYS A 80 3.03 -13.88 14.19
C LYS A 80 4.11 -13.52 13.16
N GLN A 81 3.80 -12.64 12.21
CA GLN A 81 4.82 -12.19 11.25
C GLN A 81 5.21 -10.75 11.55
N HIS A 82 4.75 -10.25 12.68
CA HIS A 82 5.16 -8.95 13.21
C HIS A 82 5.86 -9.09 14.57
N ASP A 83 6.37 -10.28 14.84
CA ASP A 83 7.10 -10.59 16.08
C ASP A 83 8.60 -10.40 15.83
N PHE A 84 9.06 -9.16 16.01
CA PHE A 84 10.46 -8.79 15.85
C PHE A 84 11.32 -9.43 16.91
N PHE A 85 10.87 -9.28 18.16
CA PHE A 85 11.55 -9.80 19.34
C PHE A 85 12.04 -11.23 19.20
N LYS A 86 11.13 -12.15 18.95
CA LYS A 86 11.51 -13.55 18.78
C LYS A 86 12.38 -13.76 17.54
N SER A 87 12.03 -13.07 16.46
CA SER A 87 12.72 -13.29 15.18
C SER A 87 14.21 -12.96 15.25
N ALA A 88 14.58 -12.16 16.25
CA ALA A 88 15.95 -11.69 16.42
C ALA A 88 16.81 -12.73 17.12
N MET A 89 16.15 -13.74 17.69
CA MET A 89 16.83 -14.79 18.42
C MET A 89 17.43 -15.82 17.45
N PRO A 90 18.39 -16.64 17.92
CA PRO A 90 18.89 -16.71 19.29
C PRO A 90 19.98 -15.68 19.58
N GLU A 91 20.45 -15.00 18.52
CA GLU A 91 21.53 -14.05 18.64
C GLU A 91 21.11 -12.87 19.51
N GLY A 92 19.89 -12.40 19.30
CA GLY A 92 19.31 -11.40 20.18
C GLY A 92 19.30 -9.97 19.68
N TYR A 93 18.89 -9.08 20.56
CA TYR A 93 18.74 -7.66 20.26
C TYR A 93 19.27 -6.78 21.39
N VAL A 94 19.32 -5.46 21.14
CA VAL A 94 19.72 -4.48 22.14
C VAL A 94 18.55 -3.54 22.41
N GLN A 95 18.21 -3.34 23.69
CA GLN A 95 17.07 -2.51 24.04
C GLN A 95 17.51 -1.25 24.79
N GLU A 96 17.39 -0.10 24.12
CA GLU A 96 17.75 1.18 24.71
C GLU A 96 16.50 1.99 25.04
N ARG A 97 16.42 2.47 26.27
CA ARG A 97 15.30 3.30 26.65
C ARG A 97 15.77 4.61 27.25
N THR A 98 14.84 5.56 27.31
CA THR A 98 15.00 6.76 28.10
C THR A 98 13.68 6.94 28.82
N ILE A 99 13.74 7.18 30.13
CA ILE A 99 12.52 7.23 30.91
C ILE A 99 12.40 8.54 31.67
N PHE A 100 11.54 9.41 31.17
CA PHE A 100 11.30 10.68 31.82
C PHE A 100 10.18 10.51 32.83
N PHE A 101 10.49 10.66 34.11
CA PHE A 101 9.44 10.79 35.11
C PHE A 101 9.06 12.27 35.11
N LYS A 102 7.78 12.56 35.24
CA LYS A 102 7.36 13.94 35.13
C LYS A 102 7.71 14.68 36.40
N ASP A 103 8.24 15.89 36.25
CA ASP A 103 8.62 16.76 37.37
C ASP A 103 9.74 16.13 38.19
N ASP A 104 10.62 15.40 37.51
CA ASP A 104 11.65 14.65 38.21
C ASP A 104 12.67 14.08 37.24
N GLY A 105 13.58 13.25 37.76
CA GLY A 105 14.73 12.79 37.02
C GLY A 105 14.44 11.76 35.93
N ASN A 106 15.49 11.23 35.33
CA ASN A 106 15.31 10.25 34.27
C ASN A 106 16.27 9.06 34.38
N TYR A 107 15.84 7.90 33.86
CA TYR A 107 16.72 6.77 33.66
C TYR A 107 17.17 6.69 32.19
N LYS A 108 18.40 6.24 31.97
CA LYS A 108 18.81 5.88 30.63
C LYS A 108 19.45 4.50 30.68
N THR A 109 18.87 3.56 29.95
CA THR A 109 19.25 2.16 30.04
C THR A 109 19.73 1.60 28.71
N ARG A 110 20.51 0.55 28.79
CA ARG A 110 20.91 -0.23 27.62
C ARG A 110 21.09 -1.69 28.02
N ALA A 111 20.21 -2.54 27.49
CA ALA A 111 20.22 -3.97 27.75
C ALA A 111 20.56 -4.78 26.50
N GLU A 112 21.22 -5.92 26.70
CA GLU A 112 21.36 -6.93 25.66
C GLU A 112 20.51 -8.14 26.06
N VAL A 113 19.50 -8.44 25.24
CA VAL A 113 18.70 -9.64 25.46
C VAL A 113 19.05 -10.70 24.44
N LYS A 114 19.51 -11.85 24.93
CA LYS A 114 19.91 -12.94 24.05
C LYS A 114 19.93 -14.28 24.78
N PHE A 115 20.22 -15.34 24.02
CA PHE A 115 20.22 -16.68 24.57
C PHE A 115 21.64 -17.09 24.93
N GLU A 116 21.80 -17.65 26.13
CA GLU A 116 23.09 -18.21 26.52
C GLU A 116 22.90 -19.67 26.86
N GLY A 117 22.84 -20.50 25.83
CA GLY A 117 22.48 -21.89 25.98
C GLY A 117 20.98 -22.03 25.98
N ASP A 118 20.46 -22.74 26.97
CA ASP A 118 19.02 -22.92 27.10
C ASP A 118 18.35 -21.74 27.79
N THR A 119 19.14 -20.76 28.24
CA THR A 119 18.57 -19.64 29.00
C THR A 119 18.51 -18.30 28.24
N LEU A 120 17.43 -17.56 28.49
CA LEU A 120 17.24 -16.20 27.99
C LEU A 120 17.70 -15.22 29.06
N VAL A 121 18.77 -14.49 28.75
CA VAL A 121 19.35 -13.56 29.71
C VAL A 121 19.12 -12.09 29.32
N ASN A 122 18.80 -11.28 30.33
CA ASN A 122 18.70 -9.84 30.16
C ASN A 122 19.79 -9.11 30.95
N ARG A 123 20.71 -8.46 30.22
CA ARG A 123 21.82 -7.76 30.85
C ARG A 123 21.75 -6.24 30.74
N ILE A 124 21.59 -5.59 31.88
CA ILE A 124 21.20 -4.18 31.95
C ILE A 124 22.21 -3.26 32.64
N GLU A 125 22.52 -2.15 31.98
CA GLU A 125 23.18 -0.99 32.60
C GLU A 125 22.19 0.18 32.67
N LEU A 126 21.96 0.73 33.86
CA LEU A 126 21.02 1.85 34.05
C LEU A 126 21.69 3.02 34.77
N LYS A 127 21.32 4.26 34.41
CA LYS A 127 21.97 5.47 34.93
C LYS A 127 21.05 6.67 35.15
N GLY A 128 20.56 6.84 36.38
CA GLY A 128 19.66 7.93 36.72
C GLY A 128 20.31 9.21 37.22
N ILE A 129 19.77 10.36 36.80
CA ILE A 129 20.28 11.69 37.18
C ILE A 129 19.13 12.67 37.36
N ASP A 130 19.36 13.73 38.14
CA ASP A 130 18.43 14.86 38.26
C ASP A 130 17.19 14.56 39.07
N PHE A 131 17.25 13.56 39.94
CA PHE A 131 16.09 13.32 40.79
C PHE A 131 16.07 14.30 41.96
N LYS A 132 14.91 14.49 42.57
CA LYS A 132 14.76 15.42 43.69
C LYS A 132 14.73 14.67 45.00
N GLU A 133 15.77 14.80 45.82
CA GLU A 133 15.87 14.09 47.12
C GLU A 133 14.56 14.02 47.94
N ASP A 134 13.59 14.86 47.61
CA ASP A 134 12.30 14.85 48.31
C ASP A 134 11.17 14.35 47.40
N GLY A 135 11.52 13.94 46.19
CA GLY A 135 10.53 13.56 45.20
C GLY A 135 9.69 12.31 45.48
N ASN A 136 9.08 11.78 44.41
CA ASN A 136 8.28 10.57 44.52
C ASN A 136 9.18 9.32 44.52
N ILE A 137 10.15 9.30 43.61
CA ILE A 137 11.18 8.27 43.56
C ILE A 137 12.00 8.27 44.86
N LEU A 138 13.01 9.13 44.91
CA LEU A 138 14.04 9.09 45.94
C LEU A 138 13.48 9.29 47.33
N GLY A 139 12.25 9.77 47.40
CA GLY A 139 11.54 9.85 48.66
C GLY A 139 10.79 8.58 49.01
N HIS A 140 10.69 7.66 48.05
CA HIS A 140 9.94 6.41 48.23
C HIS A 140 8.46 6.65 48.60
N LYS A 141 7.73 7.28 47.68
CA LYS A 141 6.30 7.58 47.86
C LYS A 141 5.43 6.77 46.89
N LEU A 142 6.08 5.95 46.08
CA LEU A 142 5.38 5.04 45.21
C LEU A 142 4.79 3.88 46.01
N GLU A 143 3.62 3.46 45.56
CA GLU A 143 2.89 2.33 46.14
C GLU A 143 3.40 1.06 45.51
N TYR A 144 3.50 0.01 46.33
CA TYR A 144 3.94 -1.30 45.83
C TYR A 144 2.90 -1.97 44.95
N ASN A 145 2.65 -1.39 43.78
CA ASN A 145 1.70 -1.98 42.86
C ASN A 145 1.96 -1.57 41.42
N TYR A 146 1.02 -1.90 40.56
CA TYR A 146 1.20 -1.64 39.14
C TYR A 146 -0.14 -1.59 38.43
N ASN A 147 -0.13 -1.01 37.23
CA ASN A 147 -1.32 -0.84 36.41
C ASN A 147 -1.07 -1.46 35.04
N SER A 148 -2.07 -1.37 34.17
CA SER A 148 -1.98 -1.99 32.87
C SER A 148 -1.72 -0.93 31.80
N HIS A 149 -0.95 -1.29 30.78
CA HIS A 149 -0.52 -0.31 29.79
C HIS A 149 -0.52 -0.93 28.39
N ASN A 150 -0.44 -0.08 27.36
CA ASN A 150 -0.38 -0.55 25.98
C ASN A 150 0.91 -0.04 25.34
N VAL A 151 1.67 -0.94 24.70
CA VAL A 151 3.06 -0.71 24.34
C VAL A 151 3.24 -0.51 22.82
N TYR A 152 2.93 0.70 22.34
CA TYR A 152 2.84 0.92 20.89
C TYR A 152 4.17 0.73 20.15
N ILE A 153 4.21 -0.33 19.34
CA ILE A 153 5.37 -0.63 18.50
C ILE A 153 5.20 -0.01 17.11
N MET A 154 6.32 0.20 16.43
CA MET A 154 6.37 0.87 15.15
C MET A 154 7.69 0.46 14.54
N ALA A 155 7.69 0.20 13.24
CA ALA A 155 8.94 -0.22 12.61
C ALA A 155 9.86 0.97 12.35
N ASP A 156 11.15 0.69 12.32
CA ASP A 156 12.14 1.66 11.87
C ASP A 156 12.91 0.99 10.74
N LYS A 157 12.33 1.03 9.54
CA LYS A 157 12.86 0.30 8.40
C LYS A 157 14.27 0.75 8.02
N GLN A 158 14.59 2.00 8.35
CA GLN A 158 15.90 2.54 8.05
C GLN A 158 16.98 1.95 8.96
N LYS A 159 16.66 1.78 10.25
CA LYS A 159 17.64 1.27 11.21
C LYS A 159 17.45 -0.21 11.54
N ASN A 160 16.63 -0.89 10.74
CA ASN A 160 16.44 -2.34 10.84
C ASN A 160 15.99 -2.80 12.24
N GLY A 161 15.24 -1.94 12.91
CA GLY A 161 14.81 -2.26 14.25
C GLY A 161 13.43 -1.70 14.46
N ILE A 162 13.04 -1.52 15.71
CA ILE A 162 11.74 -0.94 16.00
C ILE A 162 11.87 0.28 16.92
N LYS A 163 10.86 1.12 16.91
CA LYS A 163 10.78 2.24 17.83
C LYS A 163 9.58 1.98 18.74
N VAL A 164 9.78 2.10 20.04
CA VAL A 164 8.68 1.82 20.94
C VAL A 164 8.42 3.01 21.84
N ASN A 165 7.17 3.22 22.24
CA ASN A 165 6.87 4.24 23.22
C ASN A 165 5.59 3.96 24.02
N PHE A 166 5.57 4.42 25.27
CA PHE A 166 4.40 4.27 26.13
C PHE A 166 4.55 5.08 27.38
N LYS A 167 3.49 5.13 28.17
CA LYS A 167 3.48 5.97 29.35
C LYS A 167 2.96 5.22 30.56
N ILE A 168 3.89 4.91 31.47
CA ILE A 168 3.56 4.17 32.69
C ILE A 168 3.02 5.08 33.77
N ARG A 169 1.90 4.70 34.37
CA ARG A 169 1.38 5.40 35.54
C ARG A 169 1.79 4.69 36.83
N HIS A 170 2.45 5.40 37.75
CA HIS A 170 2.70 4.86 39.09
C HIS A 170 1.75 5.46 40.13
N ASN A 171 1.13 4.61 40.95
CA ASN A 171 0.31 5.11 42.05
C ASN A 171 1.16 5.64 43.19
N ILE A 172 0.65 6.65 43.90
CA ILE A 172 1.28 7.27 45.07
C ILE A 172 0.23 7.24 46.17
N GLU A 173 0.60 7.39 47.44
CA GLU A 173 -0.42 7.24 48.50
C GLU A 173 -1.50 8.34 48.57
N ASP A 174 -1.17 9.57 48.19
CA ASP A 174 -2.17 10.64 48.23
C ASP A 174 -3.24 10.53 47.12
N GLY A 175 -3.15 9.48 46.31
CA GLY A 175 -4.10 9.27 45.24
C GLY A 175 -3.62 9.78 43.89
N SER A 176 -2.50 10.50 43.91
CA SER A 176 -1.98 11.08 42.67
C SER A 176 -1.16 10.05 41.90
N VAL A 177 -0.65 10.43 40.73
CA VAL A 177 -0.09 9.46 39.80
C VAL A 177 1.18 9.95 39.09
N GLN A 178 2.29 9.29 39.41
CA GLN A 178 3.57 9.66 38.84
C GLN A 178 3.78 9.15 37.40
N LEU A 179 3.88 10.04 36.43
CA LEU A 179 3.99 9.60 35.04
C LEU A 179 5.41 9.20 34.68
N ALA A 180 5.57 8.23 33.78
CA ALA A 180 6.89 7.76 33.37
C ALA A 180 7.04 7.56 31.86
N ASP A 181 7.16 8.68 31.14
CA ASP A 181 7.24 8.70 29.69
C ASP A 181 8.41 7.85 29.11
N HIS A 182 8.10 6.67 28.57
CA HIS A 182 9.15 5.77 28.04
C HIS A 182 9.38 5.90 26.54
N TYR A 183 10.64 6.11 26.16
CA TYR A 183 11.04 6.14 24.75
C TYR A 183 12.06 5.03 24.47
N GLN A 184 11.64 4.00 23.75
CA GLN A 184 12.44 2.78 23.60
C GLN A 184 12.90 2.49 22.17
N GLN A 185 14.01 1.78 22.02
CA GLN A 185 14.43 1.36 20.68
C GLN A 185 15.22 0.05 20.65
N ASN A 186 14.85 -0.80 19.69
CA ASN A 186 15.41 -2.15 19.59
C ASN A 186 16.14 -2.41 18.27
N THR A 187 17.16 -3.27 18.33
CA THR A 187 18.10 -3.48 17.22
C THR A 187 18.91 -4.79 17.34
N PRO A 188 18.84 -5.64 16.29
CA PRO A 188 19.49 -6.95 16.27
C PRO A 188 21.02 -6.93 16.31
N ILE A 189 21.56 -7.60 17.32
CA ILE A 189 22.97 -7.90 17.43
C ILE A 189 23.39 -8.78 16.27
N GLY A 190 22.45 -9.61 15.80
CA GLY A 190 22.70 -10.55 14.73
C GLY A 190 22.59 -9.95 13.34
N ASP A 191 23.24 -10.59 12.38
CA ASP A 191 23.29 -10.08 11.01
C ASP A 191 22.17 -10.64 10.14
N GLY A 192 21.53 -11.70 10.63
CA GLY A 192 20.40 -12.31 9.94
C GLY A 192 19.18 -11.41 9.84
N PRO A 193 18.26 -11.73 8.92
CA PRO A 193 17.08 -10.88 8.72
C PRO A 193 16.07 -11.03 9.85
N VAL A 194 15.28 -9.98 10.08
CA VAL A 194 14.31 -9.97 11.16
C VAL A 194 12.99 -9.42 10.63
N LEU A 195 11.90 -9.72 11.32
CA LEU A 195 10.60 -9.23 10.91
C LEU A 195 10.47 -7.76 11.28
N LEU A 196 10.02 -6.95 10.34
CA LEU A 196 9.81 -5.54 10.62
C LEU A 196 8.32 -5.24 10.55
N PRO A 197 7.69 -5.10 11.73
CA PRO A 197 6.23 -5.08 11.95
C PRO A 197 5.46 -3.86 11.43
N ASP A 198 4.16 -4.07 11.20
CA ASP A 198 3.24 -2.98 11.00
C ASP A 198 2.91 -2.45 12.39
N ASN A 199 2.33 -1.25 12.45
CA ASN A 199 1.92 -0.68 13.72
C ASN A 199 1.00 -1.59 14.51
N HIS A 200 1.39 -1.95 15.73
CA HIS A 200 0.51 -2.66 16.65
C HIS A 200 0.96 -2.36 18.07
N TYR A 201 0.26 -2.91 19.06
CA TYR A 201 0.65 -2.67 20.44
C TYR A 201 0.74 -3.97 21.28
N LEU A 202 1.30 -3.90 22.48
CA LEU A 202 1.30 -5.06 23.41
C LEU A 202 0.48 -4.67 24.62
N SER A 203 -0.53 -5.44 24.95
CA SER A 203 -1.33 -5.11 26.10
C SER A 203 -0.69 -5.80 27.29
N THR A 204 -0.16 -5.00 28.21
CA THR A 204 0.54 -5.55 29.37
C THR A 204 -0.26 -5.41 30.66
N GLN A 205 -0.19 -6.44 31.50
CA GLN A 205 -0.68 -6.41 32.88
C GLN A 205 0.34 -7.09 33.80
N SER A 206 0.49 -6.53 35.00
CA SER A 206 1.50 -6.95 35.96
C SER A 206 0.97 -6.81 37.39
N ASN A 207 1.45 -7.67 38.29
CA ASN A 207 1.27 -7.48 39.74
C ASN A 207 2.59 -7.73 40.47
N LEU A 208 2.79 -7.06 41.59
CA LEU A 208 4.02 -7.16 42.38
C LEU A 208 3.75 -7.71 43.77
N SER A 209 4.59 -8.66 44.19
CA SER A 209 4.43 -9.35 45.47
C SER A 209 5.75 -9.64 46.23
N LYS A 210 5.60 -10.15 47.45
CA LYS A 210 6.73 -10.58 48.27
C LYS A 210 6.68 -12.08 48.59
N ASP A 211 7.80 -12.75 48.40
CA ASP A 211 8.09 -14.07 48.98
C ASP A 211 8.20 -13.97 50.50
N PRO A 212 7.46 -14.79 51.24
CA PRO A 212 7.55 -14.68 52.70
C PRO A 212 8.70 -15.48 53.37
N ASN A 213 9.52 -16.17 52.59
CA ASN A 213 10.71 -16.86 53.12
C ASN A 213 11.98 -16.25 52.54
N GLU A 214 11.88 -14.96 52.21
CA GLU A 214 12.97 -14.24 51.63
C GLU A 214 13.17 -12.98 52.44
N LYS A 215 14.37 -12.79 52.96
CA LYS A 215 14.64 -11.71 53.91
C LYS A 215 15.48 -10.58 53.32
N ARG A 216 16.15 -10.84 52.20
CA ARG A 216 16.81 -9.80 51.42
C ARG A 216 15.78 -8.91 50.69
N ASP A 217 16.18 -7.72 50.27
CA ASP A 217 15.28 -6.83 49.52
C ASP A 217 14.95 -7.42 48.14
N HIS A 218 13.66 -7.67 47.92
CA HIS A 218 13.24 -8.43 46.74
C HIS A 218 11.85 -8.04 46.19
N MET A 219 11.66 -8.31 44.91
CA MET A 219 10.35 -8.22 44.27
C MET A 219 10.02 -9.51 43.52
N VAL A 220 8.81 -10.05 43.76
CA VAL A 220 8.20 -11.08 42.91
C VAL A 220 7.35 -10.41 41.83
N LEU A 221 7.77 -10.55 40.57
CA LEU A 221 7.12 -9.92 39.40
C LEU A 221 6.40 -10.91 38.49
N LEU A 222 5.06 -10.77 38.39
CA LEU A 222 4.26 -11.48 37.39
C LEU A 222 3.75 -10.56 36.28
N GLU A 223 4.17 -10.86 35.05
CA GLU A 223 3.71 -10.14 33.86
C GLU A 223 2.80 -10.98 32.96
N PHE A 224 1.73 -10.35 32.46
CA PHE A 224 0.95 -10.92 31.36
C PHE A 224 1.16 -10.04 30.12
N VAL A 225 1.43 -10.65 28.97
CA VAL A 225 1.64 -9.86 27.76
C VAL A 225 0.96 -10.44 26.53
N THR A 226 0.12 -9.66 25.85
CA THR A 226 -0.51 -10.08 24.60
C THR A 226 -0.39 -9.05 23.46
N ALA A 227 0.01 -9.49 22.27
CA ALA A 227 -0.01 -8.63 21.09
C ALA A 227 -1.43 -8.47 20.52
N ALA A 228 -1.69 -7.30 19.92
CA ALA A 228 -3.04 -6.92 19.49
C ALA A 228 -2.95 -5.78 18.48
N GLY A 229 -4.08 -5.12 18.23
CA GLY A 229 -4.10 -3.89 17.43
C GLY A 229 -3.96 -3.99 15.91
N ILE A 230 -3.77 -5.19 15.41
CA ILE A 230 -3.93 -5.46 13.98
C ILE A 230 -5.21 -6.26 13.85
N THR A 231 -6.10 -5.86 12.95
CA THR A 231 -7.41 -6.51 12.81
C THR A 231 -7.36 -8.05 12.78
N ALA A 235 -7.37 -2.62 3.62
CA ALA A 235 -8.12 -2.07 2.49
C ALA A 235 -7.51 -0.77 1.94
N SER A 236 -8.34 0.02 1.25
CA SER A 236 -7.93 1.33 0.78
C SER A 236 -8.29 2.34 1.86
N THR A 237 -9.08 1.88 2.84
CA THR A 237 -9.41 2.65 4.01
C THR A 237 -8.13 3.02 4.77
N LYS A 238 -7.09 2.20 4.58
CA LYS A 238 -5.77 2.50 5.10
C LYS A 238 -5.32 3.88 4.62
N LYS A 239 -5.27 4.04 3.31
CA LYS A 239 -4.75 5.25 2.66
C LYS A 239 -5.45 6.55 3.11
N LEU A 240 -6.69 6.41 3.55
CA LEU A 240 -7.51 7.57 3.94
C LEU A 240 -7.12 8.15 5.30
N SER A 241 -7.01 7.27 6.28
CA SER A 241 -6.68 7.64 7.66
C SER A 241 -5.23 8.07 7.80
N GLU A 242 -4.40 7.73 6.81
CA GLU A 242 -3.02 8.21 6.78
C GLU A 242 -3.04 9.73 6.61
N SER A 243 -4.02 10.21 5.85
CA SER A 243 -4.18 11.64 5.60
C SER A 243 -4.84 12.35 6.79
N LEU A 244 -5.95 11.79 7.26
CA LEU A 244 -6.62 12.31 8.44
C LEU A 244 -5.62 12.43 9.58
N LYS A 245 -4.75 11.43 9.68
CA LYS A 245 -3.60 11.48 10.58
C LYS A 245 -2.85 12.79 10.42
N ARG A 246 -2.20 12.98 9.26
CA ARG A 246 -1.34 14.16 9.08
C ARG A 246 -2.08 15.50 9.24
N ILE A 247 -3.34 15.55 8.81
CA ILE A 247 -4.12 16.79 8.88
C ILE A 247 -4.37 17.22 10.34
N GLY A 248 -4.66 16.27 11.21
CA GLY A 248 -4.80 16.54 12.63
C GLY A 248 -3.42 16.68 13.26
N ASP A 249 -2.42 16.13 12.58
CA ASP A 249 -1.03 16.17 13.07
C ASP A 249 -0.38 17.53 12.85
N GLU A 250 -0.28 17.96 11.60
CA GLU A 250 0.23 19.29 11.24
C GLU A 250 -0.49 20.34 12.07
N LEU A 251 -1.79 20.10 12.26
CA LEU A 251 -2.65 20.95 13.08
C LEU A 251 -2.15 21.06 14.53
N ASP A 252 -2.01 19.93 15.21
CA ASP A 252 -1.61 19.97 16.60
C ASP A 252 -0.14 20.36 16.76
N SER A 253 0.64 20.19 15.69
CA SER A 253 2.06 20.49 15.74
C SER A 253 2.41 21.86 15.16
N ASN A 254 1.44 22.53 14.53
CA ASN A 254 1.64 23.87 13.98
C ASN A 254 1.97 24.89 15.06
N MET A 255 3.26 25.17 15.22
CA MET A 255 3.74 25.99 16.33
C MET A 255 3.23 27.43 16.28
N GLU A 256 2.90 27.91 15.09
CA GLU A 256 2.32 29.23 14.91
C GLU A 256 1.06 29.31 15.75
N LEU A 257 0.14 28.42 15.42
CA LEU A 257 -1.19 28.34 16.01
C LEU A 257 -1.18 28.08 17.52
N GLN A 258 -0.42 27.07 17.95
CA GLN A 258 -0.36 26.71 19.36
C GLN A 258 0.10 27.91 20.21
N ARG A 259 1.13 28.61 19.73
CA ARG A 259 1.61 29.83 20.37
C ARG A 259 0.49 30.87 20.43
N MET A 260 -0.16 31.08 19.29
CA MET A 260 -1.23 32.07 19.12
C MET A 260 -2.37 31.91 20.12
N ILE A 261 -2.79 30.66 20.35
CA ILE A 261 -3.94 30.42 21.20
C ILE A 261 -3.57 30.50 22.68
N ALA A 262 -2.41 29.96 23.01
CA ALA A 262 -1.87 30.09 24.37
C ALA A 262 -1.82 31.58 24.72
N ALA A 263 -1.33 32.38 23.77
CA ALA A 263 -1.35 33.83 23.91
C ALA A 263 -2.76 34.38 23.69
N VAL A 264 -3.60 34.25 24.71
CA VAL A 264 -4.91 34.90 24.72
C VAL A 264 -5.42 35.09 26.16
N ASP A 265 -6.16 36.18 26.37
CA ASP A 265 -6.66 36.53 27.70
C ASP A 265 -8.01 35.87 27.97
N THR A 266 -7.98 34.83 28.80
CA THR A 266 -9.12 33.95 28.98
C THR A 266 -9.62 33.86 30.43
N ASP A 267 -9.48 34.96 31.17
CA ASP A 267 -10.04 35.05 32.51
C ASP A 267 -11.52 35.40 32.38
N SER A 268 -11.79 36.23 31.38
CA SER A 268 -13.15 36.51 30.92
C SER A 268 -13.29 35.90 29.54
N PRO A 269 -13.48 34.57 29.47
CA PRO A 269 -13.39 33.77 28.24
C PRO A 269 -14.58 33.92 27.29
N ARG A 270 -15.78 34.02 27.84
CA ARG A 270 -17.03 34.06 27.07
C ARG A 270 -17.05 35.09 25.92
N GLU A 271 -16.61 36.31 26.21
CA GLU A 271 -16.54 37.37 25.19
C GLU A 271 -15.51 37.01 24.13
N VAL A 272 -14.35 36.54 24.59
CA VAL A 272 -13.22 36.25 23.72
C VAL A 272 -13.59 35.28 22.60
N PHE A 273 -14.31 34.22 22.95
CA PHE A 273 -14.76 33.24 21.98
C PHE A 273 -15.72 33.86 20.98
N PHE A 274 -16.77 34.50 21.50
CA PHE A 274 -17.83 35.07 20.67
C PHE A 274 -17.34 36.08 19.64
N ARG A 275 -16.41 36.95 20.04
CA ARG A 275 -15.90 37.98 19.14
C ARG A 275 -15.04 37.35 18.05
N VAL A 276 -14.21 36.39 18.44
CA VAL A 276 -13.37 35.66 17.50
C VAL A 276 -14.24 34.84 16.56
N ALA A 277 -15.34 34.33 17.10
CA ALA A 277 -16.34 33.62 16.32
C ALA A 277 -16.95 34.55 15.29
N ALA A 278 -17.40 35.72 15.76
CA ALA A 278 -18.02 36.72 14.90
C ALA A 278 -17.01 37.40 13.96
N ASP A 279 -15.74 37.40 14.33
CA ASP A 279 -14.71 37.93 13.45
C ASP A 279 -14.42 36.97 12.31
N MET A 280 -14.44 35.67 12.62
CA MET A 280 -14.27 34.64 11.61
C MET A 280 -15.37 34.72 10.56
N PHE A 281 -16.53 35.20 10.98
CA PHE A 281 -17.72 35.18 10.12
C PHE A 281 -18.22 36.57 9.75
N SER A 282 -17.29 37.51 9.62
CA SER A 282 -17.58 38.86 9.18
C SER A 282 -17.67 38.90 7.66
N ASP A 283 -16.95 37.98 7.01
CA ASP A 283 -17.07 37.81 5.57
C ASP A 283 -18.22 36.86 5.23
N GLY A 284 -18.76 36.23 6.28
CA GLY A 284 -19.99 35.46 6.18
C GLY A 284 -19.95 34.33 5.16
N ASN A 285 -18.76 33.76 4.99
CA ASN A 285 -18.53 32.62 4.11
C ASN A 285 -18.33 31.34 4.92
N PHE A 286 -19.42 30.79 5.43
CA PHE A 286 -19.43 29.59 6.27
C PHE A 286 -19.09 28.34 5.47
N ASN A 287 -18.22 27.51 6.03
CA ASN A 287 -17.96 26.15 5.54
C ASN A 287 -17.60 25.27 6.74
N TRP A 288 -17.90 23.98 6.64
CA TRP A 288 -17.67 23.03 7.73
C TRP A 288 -16.25 23.05 8.30
N GLY A 289 -15.27 23.41 7.46
CA GLY A 289 -13.90 23.54 7.90
C GLY A 289 -13.75 24.52 9.05
N ARG A 290 -14.45 25.66 8.95
CA ARG A 290 -14.39 26.69 9.97
C ARG A 290 -15.21 26.33 11.20
N VAL A 291 -16.34 25.65 10.97
CA VAL A 291 -17.17 25.14 12.05
C VAL A 291 -16.35 24.22 12.94
N VAL A 292 -15.48 23.44 12.30
CA VAL A 292 -14.62 22.50 13.00
C VAL A 292 -13.40 23.20 13.61
N ALA A 293 -12.78 24.10 12.83
CA ALA A 293 -11.61 24.82 13.32
C ALA A 293 -11.97 25.74 14.49
N LEU A 294 -13.23 26.17 14.54
CA LEU A 294 -13.70 26.95 15.66
C LEU A 294 -14.15 26.02 16.78
N PHE A 295 -14.46 24.78 16.43
CA PHE A 295 -14.81 23.78 17.43
C PHE A 295 -13.55 23.11 17.99
N TYR A 296 -12.39 23.41 17.40
CA TYR A 296 -11.09 23.02 17.96
C TYR A 296 -10.73 24.16 18.90
N PHE A 297 -11.19 25.37 18.56
CA PHE A 297 -10.96 26.52 19.41
C PHE A 297 -11.79 26.40 20.69
N ALA A 298 -13.11 26.45 20.57
CA ALA A 298 -14.01 26.24 21.70
C ALA A 298 -13.64 24.97 22.48
N SER A 299 -13.05 24.00 21.77
CA SER A 299 -12.43 22.84 22.40
C SER A 299 -11.32 23.32 23.33
N LYS A 300 -10.27 23.89 22.75
CA LYS A 300 -9.11 24.37 23.53
C LYS A 300 -9.44 25.35 24.67
N LEU A 301 -10.65 25.90 24.66
CA LEU A 301 -11.11 26.76 25.77
C LEU A 301 -11.64 25.91 26.92
N VAL A 302 -10.76 25.07 27.46
CA VAL A 302 -11.10 24.11 28.50
C VAL A 302 -9.93 23.92 29.48
N LEU A 303 -8.81 23.41 28.95
CA LEU A 303 -7.67 23.00 29.77
C LEU A 303 -7.15 24.08 30.73
N SER B 5 -18.35 61.37 5.62
CA SER B 5 -18.53 61.57 4.17
C SER B 5 -19.42 62.78 3.84
N LYS B 6 -19.20 63.37 2.66
CA LYS B 6 -20.03 64.47 2.16
C LYS B 6 -21.28 63.89 1.50
N GLY B 7 -21.18 62.64 1.07
CA GLY B 7 -22.30 61.93 0.49
C GLY B 7 -23.42 61.76 1.49
N GLU B 8 -23.05 61.45 2.73
CA GLU B 8 -23.99 61.24 3.82
C GLU B 8 -25.03 62.37 3.96
N GLU B 9 -24.63 63.60 3.65
CA GLU B 9 -25.49 64.77 3.84
C GLU B 9 -26.61 64.86 2.81
N LEU B 10 -26.53 64.03 1.78
CA LEU B 10 -27.55 63.98 0.74
C LEU B 10 -28.69 63.02 1.08
N PHE B 11 -28.47 62.22 2.12
CA PHE B 11 -29.38 61.13 2.43
C PHE B 11 -30.14 61.28 3.74
N THR B 12 -29.96 62.42 4.40
CA THR B 12 -30.90 62.88 5.41
C THR B 12 -32.19 63.20 4.66
N GLY B 13 -33.34 62.93 5.28
CA GLY B 13 -34.61 63.24 4.66
C GLY B 13 -34.97 62.38 3.45
N VAL B 14 -36.23 62.45 3.04
CA VAL B 14 -36.77 61.59 1.98
C VAL B 14 -36.27 61.99 0.58
N VAL B 15 -35.65 61.03 -0.10
CA VAL B 15 -35.09 61.23 -1.44
C VAL B 15 -35.93 60.53 -2.49
N PRO B 16 -36.26 61.25 -3.58
CA PRO B 16 -36.98 60.59 -4.66
C PRO B 16 -36.09 59.60 -5.46
N ILE B 17 -36.66 58.45 -5.84
CA ILE B 17 -35.93 57.40 -6.54
C ILE B 17 -36.57 57.08 -7.88
N LEU B 18 -35.73 56.86 -8.88
CA LEU B 18 -36.16 56.52 -10.22
C LEU B 18 -35.36 55.30 -10.71
N VAL B 19 -36.03 54.28 -11.24
CA VAL B 19 -35.35 53.05 -11.69
C VAL B 19 -35.71 52.62 -13.13
N GLU B 20 -34.68 52.44 -13.97
CA GLU B 20 -34.80 51.98 -15.37
C GLU B 20 -34.05 50.66 -15.67
N LEU B 21 -34.77 49.65 -16.16
CA LEU B 21 -34.14 48.37 -16.52
C LEU B 21 -34.44 47.88 -17.95
N ASP B 22 -33.39 47.39 -18.63
CA ASP B 22 -33.49 46.74 -19.95
C ASP B 22 -33.03 45.27 -19.88
N GLY B 23 -33.93 44.33 -20.15
CA GLY B 23 -33.61 42.93 -19.93
C GLY B 23 -33.67 42.01 -21.14
N ASP B 24 -32.97 40.88 -21.02
CA ASP B 24 -32.90 39.85 -22.05
C ASP B 24 -32.68 38.48 -21.38
N VAL B 25 -33.74 37.66 -21.27
CA VAL B 25 -33.64 36.36 -20.60
C VAL B 25 -34.08 35.21 -21.52
N ASN B 26 -33.10 34.49 -22.06
CA ASN B 26 -33.31 33.45 -23.06
C ASN B 26 -33.95 34.07 -24.32
N GLY B 27 -33.36 35.17 -24.78
CA GLY B 27 -33.89 35.91 -25.91
C GLY B 27 -35.25 36.56 -25.70
N HIS B 28 -35.74 36.55 -24.46
CA HIS B 28 -36.92 37.35 -24.09
C HIS B 28 -36.47 38.69 -23.60
N LYS B 29 -36.88 39.72 -24.32
CA LYS B 29 -36.51 41.06 -23.95
C LYS B 29 -37.66 41.63 -23.13
N PHE B 30 -37.37 42.70 -22.38
CA PHE B 30 -38.38 43.39 -21.56
C PHE B 30 -37.80 44.64 -20.95
N SER B 31 -38.68 45.55 -20.54
CA SER B 31 -38.26 46.77 -19.85
C SER B 31 -39.14 47.07 -18.63
N VAL B 32 -38.51 47.66 -17.62
CA VAL B 32 -39.16 48.02 -16.36
C VAL B 32 -38.77 49.42 -15.89
N SER B 33 -39.79 50.22 -15.56
CA SER B 33 -39.61 51.51 -14.88
C SER B 33 -40.18 51.49 -13.47
N GLY B 34 -39.38 51.99 -12.53
CA GLY B 34 -39.80 52.07 -11.14
C GLY B 34 -39.61 53.47 -10.58
N GLU B 35 -40.61 53.94 -9.85
CA GLU B 35 -40.47 55.17 -9.06
C GLU B 35 -40.88 54.96 -7.60
N GLY B 36 -40.19 55.67 -6.72
CA GLY B 36 -40.55 55.73 -5.31
C GLY B 36 -39.66 56.71 -4.57
N GLU B 37 -39.41 56.42 -3.30
CA GLU B 37 -38.61 57.28 -2.43
C GLU B 37 -37.89 56.47 -1.37
N GLY B 38 -36.81 57.02 -0.83
CA GLY B 38 -35.98 56.33 0.14
C GLY B 38 -35.61 57.16 1.36
N ASP B 39 -35.62 56.52 2.52
CA ASP B 39 -35.34 57.18 3.79
C ASP B 39 -34.20 56.47 4.52
N ALA B 40 -32.97 56.92 4.31
CA ALA B 40 -31.81 56.26 4.90
C ALA B 40 -31.77 56.39 6.40
N THR B 41 -32.39 57.45 6.92
CA THR B 41 -32.44 57.73 8.35
C THR B 41 -33.06 56.57 9.11
N TYR B 42 -34.14 56.00 8.57
CA TYR B 42 -34.78 54.83 9.16
C TYR B 42 -34.74 53.64 8.23
N GLY B 43 -33.70 53.59 7.40
CA GLY B 43 -33.42 52.48 6.50
C GLY B 43 -34.60 51.95 5.71
N LYS B 44 -35.29 52.84 5.02
CA LYS B 44 -36.61 52.54 4.49
C LYS B 44 -36.72 52.80 2.98
N LEU B 45 -37.42 51.91 2.29
CA LEU B 45 -37.47 51.93 0.83
C LEU B 45 -38.86 51.55 0.32
N THR B 46 -39.45 52.39 -0.52
CA THR B 46 -40.75 52.08 -1.12
C THR B 46 -40.69 52.33 -2.62
N LEU B 47 -40.95 51.30 -3.40
CA LEU B 47 -40.81 51.38 -4.86
C LEU B 47 -41.95 50.69 -5.58
N LYS B 48 -42.40 51.30 -6.67
CA LYS B 48 -43.37 50.67 -7.57
C LYS B 48 -42.80 50.45 -8.96
N PHE B 49 -43.02 49.25 -9.49
CA PHE B 49 -42.47 48.85 -10.77
C PHE B 49 -43.56 48.55 -11.77
N ILE B 50 -43.45 49.15 -12.94
CA ILE B 50 -44.34 48.89 -14.05
C ILE B 50 -43.55 48.12 -15.12
N CYS B 51 -44.12 47.04 -15.64
CA CYS B 51 -43.58 46.47 -16.86
C CYS B 51 -44.05 47.28 -18.07
N THR B 52 -43.09 47.93 -18.74
CA THR B 52 -43.40 48.81 -19.88
C THR B 52 -43.56 48.06 -21.20
N THR B 53 -43.26 46.76 -21.20
CA THR B 53 -43.32 45.93 -22.41
C THR B 53 -44.41 44.84 -22.37
N GLY B 54 -45.51 45.07 -21.66
CA GLY B 54 -46.53 44.04 -21.50
C GLY B 54 -46.24 43.17 -20.28
N LYS B 55 -46.55 41.88 -20.35
CA LYS B 55 -46.18 40.93 -19.28
C LYS B 55 -44.69 40.71 -19.11
N LEU B 56 -44.33 40.29 -17.90
CA LEU B 56 -42.94 40.01 -17.58
C LEU B 56 -42.62 38.56 -17.96
N PRO B 57 -41.45 38.34 -18.59
CA PRO B 57 -41.11 36.96 -18.95
C PRO B 57 -40.64 36.12 -17.76
N VAL B 58 -40.17 36.77 -16.71
CA VAL B 58 -39.66 36.10 -15.52
C VAL B 58 -40.58 36.38 -14.31
N PRO B 59 -40.41 35.67 -13.18
CA PRO B 59 -41.29 36.03 -12.06
C PRO B 59 -40.77 37.31 -11.42
N TRP B 60 -41.66 38.12 -10.88
CA TRP B 60 -41.23 39.36 -10.23
C TRP B 60 -40.13 39.17 -9.17
N PRO B 61 -40.29 38.19 -8.26
CA PRO B 61 -39.31 37.95 -7.18
C PRO B 61 -37.84 37.88 -7.60
N THR B 62 -37.57 37.29 -8.76
CA THR B 62 -36.21 37.16 -9.27
C THR B 62 -35.51 38.50 -9.49
N LEU B 63 -36.31 39.57 -9.54
CA LEU B 63 -35.78 40.87 -9.91
C LEU B 63 -35.59 41.84 -8.74
N VAL B 64 -36.12 41.47 -7.57
CA VAL B 64 -36.07 42.33 -6.39
C VAL B 64 -34.66 42.85 -6.11
N THR B 65 -33.68 41.98 -6.11
CA THR B 65 -32.35 42.40 -5.70
C THR B 65 -31.70 43.28 -6.75
N THR B 66 -32.20 43.17 -7.97
CA THR B 66 -31.55 43.85 -9.08
C THR B 66 -32.05 45.26 -9.02
N PHE B 67 -33.36 45.34 -8.76
CA PHE B 67 -34.14 46.58 -8.60
C PHE B 67 -33.78 47.44 -7.32
N VAL B 69 -30.81 49.55 -4.11
CA VAL B 69 -30.43 50.86 -3.70
C VAL B 69 -29.77 50.98 -2.39
N GLN B 70 -28.91 50.02 -2.11
CA GLN B 70 -28.25 49.87 -0.83
C GLN B 70 -27.58 51.11 -0.23
N CYS B 71 -27.81 52.28 -0.84
CA CYS B 71 -27.38 53.56 -0.29
C CYS B 71 -28.47 54.14 0.61
N PHE B 72 -29.56 53.39 0.76
CA PHE B 72 -30.67 53.78 1.63
C PHE B 72 -30.70 52.90 2.88
N SER B 73 -29.61 52.21 3.14
CA SER B 73 -29.47 51.46 4.39
C SER B 73 -29.21 52.41 5.55
N ARG B 74 -29.81 52.11 6.70
CA ARG B 74 -29.50 52.82 7.93
C ARG B 74 -28.17 52.30 8.48
N TYR B 75 -27.18 53.19 8.54
CA TYR B 75 -25.92 52.88 9.23
C TYR B 75 -25.97 53.45 10.65
N PRO B 76 -25.86 52.59 11.67
CA PRO B 76 -25.80 53.07 13.05
C PRO B 76 -24.62 54.03 13.23
N ASP B 77 -24.70 54.92 14.21
CA ASP B 77 -23.69 55.96 14.38
C ASP B 77 -22.26 55.43 14.40
N HIS B 78 -22.04 54.37 15.16
CA HIS B 78 -20.71 53.79 15.31
C HIS B 78 -20.19 53.13 14.03
N MET B 79 -21.02 53.08 12.99
CA MET B 79 -20.65 52.44 11.74
C MET B 79 -20.47 53.43 10.57
N LYS B 80 -21.12 54.59 10.66
CA LYS B 80 -21.23 55.54 9.53
C LYS B 80 -19.96 55.90 8.75
N GLN B 81 -18.84 55.28 9.08
CA GLN B 81 -17.59 55.52 8.37
C GLN B 81 -17.27 54.34 7.46
N HIS B 82 -18.06 53.27 7.57
CA HIS B 82 -17.91 52.11 6.70
C HIS B 82 -19.03 52.06 5.67
N ASP B 83 -19.71 53.19 5.53
CA ASP B 83 -20.78 53.36 4.57
C ASP B 83 -20.15 53.78 3.25
N PHE B 84 -19.93 52.79 2.37
CA PHE B 84 -19.35 53.03 1.06
C PHE B 84 -20.33 53.69 0.10
N PHE B 85 -21.52 53.13 0.03
CA PHE B 85 -22.53 53.55 -0.93
C PHE B 85 -22.80 55.05 -0.91
N LYS B 86 -23.10 55.60 0.26
CA LYS B 86 -23.39 57.02 0.33
C LYS B 86 -22.16 57.87 -0.01
N SER B 87 -20.99 57.41 0.42
CA SER B 87 -19.74 58.17 0.31
C SER B 87 -19.29 58.37 -1.13
N ALA B 88 -19.84 57.55 -2.03
CA ALA B 88 -19.49 57.60 -3.44
C ALA B 88 -20.35 58.62 -4.18
N MET B 89 -21.37 59.14 -3.50
CA MET B 89 -22.32 60.08 -4.08
C MET B 89 -21.76 61.49 -4.01
N PRO B 90 -22.31 62.42 -4.83
CA PRO B 90 -23.43 62.28 -5.77
C PRO B 90 -22.99 61.74 -7.13
N GLU B 91 -21.68 61.54 -7.28
CA GLU B 91 -21.14 61.12 -8.57
C GLU B 91 -21.59 59.72 -8.90
N GLY B 92 -21.57 58.84 -7.90
CA GLY B 92 -22.18 57.54 -8.04
C GLY B 92 -21.26 56.34 -8.00
N TYR B 93 -21.84 55.19 -8.28
CA TYR B 93 -21.11 53.93 -8.32
C TYR B 93 -21.70 52.95 -9.34
N VAL B 94 -20.92 51.94 -9.69
CA VAL B 94 -21.35 50.90 -10.64
C VAL B 94 -21.48 49.57 -9.92
N GLN B 95 -22.61 48.89 -10.10
CA GLN B 95 -22.89 47.65 -9.40
C GLN B 95 -23.07 46.49 -10.38
N GLU B 96 -22.08 45.59 -10.40
CA GLU B 96 -22.10 44.45 -11.29
C GLU B 96 -22.36 43.18 -10.49
N ARG B 97 -23.32 42.38 -10.95
CA ARG B 97 -23.61 41.13 -10.28
C ARG B 97 -23.61 39.97 -11.26
N THR B 98 -23.47 38.78 -10.70
CA THR B 98 -23.79 37.57 -11.44
C THR B 98 -24.67 36.76 -10.47
N ILE B 99 -25.66 36.05 -11.00
CA ILE B 99 -26.67 35.43 -10.15
C ILE B 99 -27.01 33.99 -10.60
N PHE B 100 -26.35 33.02 -9.96
CA PHE B 100 -26.53 31.63 -10.33
C PHE B 100 -27.72 31.02 -9.62
N PHE B 101 -28.84 30.87 -10.31
CA PHE B 101 -29.92 30.07 -9.75
C PHE B 101 -29.45 28.62 -9.79
N LYS B 102 -29.42 27.97 -8.64
CA LYS B 102 -28.99 26.58 -8.59
C LYS B 102 -29.85 25.70 -9.50
N ASP B 103 -29.18 24.81 -10.25
CA ASP B 103 -29.80 23.89 -11.20
C ASP B 103 -30.43 24.65 -12.37
N ASP B 104 -29.87 25.81 -12.70
CA ASP B 104 -30.55 26.71 -13.63
C ASP B 104 -29.68 27.86 -14.15
N GLY B 105 -30.33 28.77 -14.88
CA GLY B 105 -29.67 29.81 -15.63
C GLY B 105 -28.98 30.86 -14.79
N ASN B 106 -28.62 31.99 -15.39
CA ASN B 106 -27.96 33.04 -14.62
C ASN B 106 -28.25 34.44 -15.15
N TYR B 107 -28.26 35.43 -14.26
CA TYR B 107 -28.34 36.82 -14.65
C TYR B 107 -26.96 37.49 -14.58
N LYS B 108 -26.62 38.28 -15.60
CA LYS B 108 -25.41 39.09 -15.51
C LYS B 108 -25.79 40.56 -15.70
N THR B 109 -25.70 41.32 -14.62
CA THR B 109 -26.16 42.71 -14.60
C THR B 109 -25.02 43.71 -14.52
N ARG B 110 -25.31 44.91 -15.02
CA ARG B 110 -24.48 46.06 -14.73
C ARG B 110 -25.42 47.25 -14.60
N ALA B 111 -25.30 47.93 -13.47
CA ALA B 111 -26.11 49.09 -13.13
C ALA B 111 -25.24 50.28 -12.72
N GLU B 112 -25.65 51.46 -13.17
CA GLU B 112 -25.07 52.71 -12.68
C GLU B 112 -26.05 53.41 -11.74
N VAL B 113 -25.67 53.54 -10.47
CA VAL B 113 -26.48 54.27 -9.50
C VAL B 113 -25.79 55.59 -9.19
N LYS B 114 -26.54 56.67 -9.37
CA LYS B 114 -26.04 58.02 -9.11
C LYS B 114 -27.20 59.02 -9.03
N PHE B 115 -26.87 60.26 -8.67
CA PHE B 115 -27.84 61.33 -8.55
C PHE B 115 -27.94 62.09 -9.87
N GLU B 116 -29.17 62.43 -10.25
CA GLU B 116 -29.39 63.32 -11.39
C GLU B 116 -30.26 64.48 -10.92
N GLY B 117 -29.61 65.47 -10.32
CA GLY B 117 -30.33 66.51 -9.63
C GLY B 117 -30.76 65.99 -8.27
N ASP B 118 -32.06 66.05 -8.00
CA ASP B 118 -32.60 65.69 -6.70
C ASP B 118 -32.96 64.21 -6.62
N THR B 119 -33.02 63.55 -7.76
CA THR B 119 -33.47 62.17 -7.79
C THR B 119 -32.29 61.19 -7.82
N LEU B 120 -32.48 60.01 -7.23
CA LEU B 120 -31.44 58.97 -7.21
C LEU B 120 -31.83 57.87 -8.17
N VAL B 121 -31.08 57.73 -9.25
CA VAL B 121 -31.45 56.79 -10.30
C VAL B 121 -30.59 55.53 -10.38
N ASN B 122 -31.26 54.41 -10.57
CA ASN B 122 -30.63 53.13 -10.82
C ASN B 122 -30.97 52.71 -12.25
N ARG B 123 -29.95 52.73 -13.12
CA ARG B 123 -30.08 52.35 -14.52
C ARG B 123 -29.43 50.98 -14.80
N ILE B 124 -30.23 50.05 -15.29
CA ILE B 124 -29.84 48.64 -15.32
C ILE B 124 -29.95 47.97 -16.71
N GLU B 125 -28.92 47.22 -17.08
CA GLU B 125 -28.97 46.26 -18.20
C GLU B 125 -28.79 44.84 -17.64
N LEU B 126 -29.69 43.91 -17.98
CA LEU B 126 -29.63 42.53 -17.47
C LEU B 126 -29.67 41.46 -18.57
N LYS B 127 -28.85 40.43 -18.46
CA LYS B 127 -28.74 39.40 -19.52
C LYS B 127 -28.72 37.93 -19.03
N GLY B 128 -29.88 37.26 -19.12
CA GLY B 128 -30.00 35.89 -18.67
C GLY B 128 -29.92 34.79 -19.73
N ILE B 129 -29.08 33.79 -19.47
CA ILE B 129 -28.86 32.65 -20.39
C ILE B 129 -28.94 31.33 -19.63
N ASP B 130 -29.27 30.25 -20.33
CA ASP B 130 -29.19 28.87 -19.81
C ASP B 130 -30.35 28.47 -18.90
N PHE B 131 -31.48 29.13 -18.99
CA PHE B 131 -32.59 28.71 -18.15
C PHE B 131 -33.30 27.49 -18.77
N LYS B 132 -34.16 26.83 -18.01
CA LYS B 132 -34.89 25.68 -18.52
C LYS B 132 -36.34 26.03 -18.81
N GLU B 133 -36.80 25.83 -20.04
CA GLU B 133 -38.18 26.17 -20.42
C GLU B 133 -39.27 25.53 -19.53
N ASP B 134 -38.87 24.65 -18.62
CA ASP B 134 -39.80 24.06 -17.66
C ASP B 134 -39.30 24.26 -16.22
N GLY B 135 -38.28 25.11 -16.07
CA GLY B 135 -37.64 25.32 -14.80
C GLY B 135 -38.48 26.07 -13.77
N ASN B 136 -37.83 26.54 -12.70
CA ASN B 136 -38.55 27.29 -11.66
C ASN B 136 -38.85 28.72 -12.10
N ILE B 137 -37.88 29.35 -12.77
CA ILE B 137 -38.06 30.69 -13.31
C ILE B 137 -39.03 30.73 -14.49
N LEU B 138 -38.60 30.21 -15.64
CA LEU B 138 -39.35 30.34 -16.89
C LEU B 138 -40.67 29.60 -16.87
N GLY B 139 -40.82 28.71 -15.90
CA GLY B 139 -42.07 28.02 -15.71
C GLY B 139 -42.99 28.78 -14.77
N HIS B 140 -42.43 29.78 -14.08
CA HIS B 140 -43.16 30.59 -13.10
C HIS B 140 -43.72 29.76 -11.92
N LYS B 141 -42.81 29.20 -11.11
CA LYS B 141 -43.19 28.42 -9.93
C LYS B 141 -42.67 29.07 -8.64
N LEU B 142 -42.25 30.33 -8.75
CA LEU B 142 -41.94 31.11 -7.56
C LEU B 142 -43.22 31.65 -6.94
N GLU B 143 -43.29 31.60 -5.62
CA GLU B 143 -44.36 32.20 -4.85
C GLU B 143 -44.11 33.70 -4.78
N TYR B 144 -45.18 34.49 -4.87
CA TYR B 144 -45.07 35.93 -4.82
C TYR B 144 -44.70 36.46 -3.42
N ASN B 145 -43.50 36.14 -2.96
CA ASN B 145 -43.07 36.62 -1.65
C ASN B 145 -41.55 36.77 -1.51
N TYR B 146 -41.12 37.00 -0.28
CA TYR B 146 -39.69 37.18 -0.02
C TYR B 146 -39.31 36.76 1.39
N ASN B 147 -38.01 36.55 1.61
CA ASN B 147 -37.46 36.15 2.91
C ASN B 147 -36.37 37.14 3.25
N SER B 148 -35.77 36.97 4.42
CA SER B 148 -34.81 37.96 4.90
C SER B 148 -33.38 37.43 4.81
N HIS B 149 -32.44 38.31 4.49
CA HIS B 149 -31.09 37.88 4.13
C HIS B 149 -30.01 38.80 4.68
N ASN B 150 -28.83 38.25 4.95
CA ASN B 150 -27.71 39.08 5.38
C ASN B 150 -26.73 39.28 4.22
N VAL B 151 -26.45 40.53 3.91
CA VAL B 151 -25.70 40.93 2.72
C VAL B 151 -24.23 41.20 3.09
N TYR B 152 -23.37 40.19 3.02
CA TYR B 152 -21.98 40.38 3.50
C TYR B 152 -21.11 41.25 2.60
N ILE B 153 -20.51 42.28 3.19
CA ILE B 153 -19.66 43.23 2.47
C ILE B 153 -18.22 43.02 2.89
N MET B 154 -17.29 43.46 2.05
CA MET B 154 -15.87 43.25 2.28
C MET B 154 -15.16 44.25 1.40
N ALA B 155 -14.14 44.91 1.94
CA ALA B 155 -13.42 45.89 1.13
C ALA B 155 -12.60 45.20 0.04
N ASP B 156 -12.39 45.94 -1.05
CA ASP B 156 -11.50 45.55 -2.11
C ASP B 156 -10.53 46.71 -2.33
N LYS B 157 -9.53 46.79 -1.45
CA LYS B 157 -8.64 47.94 -1.36
C LYS B 157 -7.86 48.16 -2.65
N GLN B 158 -7.65 47.09 -3.41
CA GLN B 158 -6.92 47.20 -4.66
C GLN B 158 -7.76 47.84 -5.76
N LYS B 159 -9.08 47.56 -5.77
CA LYS B 159 -9.95 48.09 -6.81
C LYS B 159 -10.78 49.30 -6.37
N ASN B 160 -10.47 49.80 -5.17
CA ASN B 160 -11.10 51.02 -4.64
C ASN B 160 -12.62 50.91 -4.58
N GLY B 161 -13.11 49.70 -4.36
CA GLY B 161 -14.54 49.47 -4.31
C GLY B 161 -14.85 48.48 -3.22
N ILE B 162 -15.90 47.69 -3.41
CA ILE B 162 -16.26 46.67 -2.44
C ILE B 162 -16.67 45.38 -3.14
N LYS B 163 -16.40 44.25 -2.50
CA LYS B 163 -16.90 42.97 -2.98
C LYS B 163 -18.15 42.71 -2.17
N VAL B 164 -19.12 42.01 -2.74
CA VAL B 164 -20.33 41.73 -2.00
C VAL B 164 -20.79 40.32 -2.34
N ASN B 165 -21.20 39.56 -1.33
CA ASN B 165 -21.81 38.28 -1.64
C ASN B 165 -22.90 37.87 -0.67
N PHE B 166 -23.88 37.13 -1.18
CA PHE B 166 -24.99 36.61 -0.38
C PHE B 166 -25.80 35.61 -1.18
N LYS B 167 -26.89 35.13 -0.57
CA LYS B 167 -27.58 33.98 -1.11
C LYS B 167 -29.08 34.02 -0.84
N ILE B 168 -29.85 34.40 -1.86
CA ILE B 168 -31.29 34.58 -1.75
C ILE B 168 -32.05 33.27 -1.82
N ARG B 169 -33.01 33.10 -0.92
CA ARG B 169 -33.87 31.93 -0.97
C ARG B 169 -35.24 32.32 -1.52
N HIS B 170 -35.60 31.78 -2.68
CA HIS B 170 -36.95 32.00 -3.24
C HIS B 170 -37.88 30.84 -2.88
N ASN B 171 -39.06 31.15 -2.34
CA ASN B 171 -40.05 30.12 -2.05
C ASN B 171 -40.76 29.65 -3.33
N ILE B 172 -41.05 28.35 -3.40
CA ILE B 172 -41.73 27.69 -4.52
C ILE B 172 -42.98 27.01 -3.93
N GLU B 173 -44.00 26.68 -4.73
CA GLU B 173 -45.23 26.17 -4.10
C GLU B 173 -45.13 24.83 -3.36
N ASP B 174 -44.40 23.86 -3.91
CA ASP B 174 -44.28 22.56 -3.26
C ASP B 174 -43.52 22.56 -1.91
N GLY B 175 -43.13 23.73 -1.44
CA GLY B 175 -42.41 23.85 -0.19
C GLY B 175 -40.90 23.86 -0.32
N SER B 176 -40.39 23.59 -1.52
CA SER B 176 -38.95 23.61 -1.74
C SER B 176 -38.44 25.04 -1.88
N VAL B 177 -37.14 25.21 -2.08
CA VAL B 177 -36.53 26.54 -2.08
C VAL B 177 -35.44 26.73 -3.14
N GLN B 178 -35.63 27.71 -4.02
CA GLN B 178 -34.69 27.97 -5.08
C GLN B 178 -33.57 28.93 -4.67
N LEU B 179 -32.33 28.45 -4.63
CA LEU B 179 -31.20 29.30 -4.24
C LEU B 179 -30.81 30.28 -5.34
N ALA B 180 -30.28 31.43 -4.95
CA ALA B 180 -29.82 32.44 -5.90
C ALA B 180 -28.49 33.08 -5.50
N ASP B 181 -27.41 32.35 -5.76
CA ASP B 181 -26.08 32.71 -5.31
C ASP B 181 -25.59 34.04 -5.92
N HIS B 182 -25.61 35.12 -5.13
CA HIS B 182 -25.27 36.45 -5.64
C HIS B 182 -23.81 36.87 -5.48
N TYR B 183 -23.15 37.17 -6.60
CA TYR B 183 -21.76 37.64 -6.60
C TYR B 183 -21.66 39.09 -7.11
N GLN B 184 -21.45 40.03 -6.19
CA GLN B 184 -21.55 41.46 -6.54
C GLN B 184 -20.24 42.24 -6.42
N GLN B 185 -20.15 43.38 -7.11
CA GLN B 185 -19.03 44.29 -6.88
C GLN B 185 -19.36 45.76 -7.21
N ASN B 186 -18.93 46.65 -6.32
CA ASN B 186 -19.20 48.09 -6.46
C ASN B 186 -17.94 48.96 -6.60
N THR B 187 -18.03 49.94 -7.48
CA THR B 187 -16.90 50.75 -7.94
C THR B 187 -17.34 52.18 -8.29
N PRO B 188 -16.71 53.18 -7.66
CA PRO B 188 -17.07 54.60 -7.85
C PRO B 188 -16.76 55.17 -9.23
N ILE B 189 -17.76 55.82 -9.80
CA ILE B 189 -17.62 56.51 -11.08
C ILE B 189 -16.73 57.74 -10.91
N GLY B 190 -16.80 58.34 -9.74
CA GLY B 190 -16.06 59.57 -9.45
C GLY B 190 -14.61 59.31 -9.10
N ASP B 191 -13.83 60.39 -9.03
CA ASP B 191 -12.42 60.32 -8.70
C ASP B 191 -12.18 60.72 -7.23
N GLY B 192 -13.20 61.31 -6.62
CA GLY B 192 -13.15 61.67 -5.22
C GLY B 192 -12.93 60.48 -4.30
N PRO B 193 -12.44 60.74 -3.08
CA PRO B 193 -12.15 59.66 -2.13
C PRO B 193 -13.41 59.06 -1.51
N VAL B 194 -13.42 57.75 -1.35
CA VAL B 194 -14.57 57.05 -0.80
C VAL B 194 -14.18 56.35 0.50
N LEU B 195 -15.13 55.68 1.13
CA LEU B 195 -14.86 54.95 2.36
C LEU B 195 -14.72 53.47 2.06
N LEU B 196 -13.65 52.86 2.56
CA LEU B 196 -13.44 51.45 2.31
C LEU B 196 -13.62 50.63 3.60
N PRO B 197 -14.78 49.98 3.73
CA PRO B 197 -15.30 49.37 4.97
C PRO B 197 -14.57 48.13 5.48
N ASP B 198 -14.60 47.96 6.79
CA ASP B 198 -14.25 46.68 7.41
C ASP B 198 -15.41 45.72 7.16
N ASN B 199 -15.15 44.44 7.28
CA ASN B 199 -16.22 43.44 7.14
C ASN B 199 -17.43 43.77 8.00
N HIS B 200 -18.58 43.95 7.35
CA HIS B 200 -19.87 44.00 8.04
C HIS B 200 -20.96 43.42 7.14
N TYR B 201 -22.22 43.67 7.47
CA TYR B 201 -23.32 43.12 6.67
C TYR B 201 -24.61 43.93 6.73
N LEU B 202 -25.45 43.84 5.70
CA LEU B 202 -26.75 44.52 5.72
C LEU B 202 -27.86 43.50 5.98
N SER B 203 -28.67 43.79 6.98
CA SER B 203 -29.78 42.91 7.32
C SER B 203 -30.98 43.43 6.57
N THR B 204 -31.41 42.69 5.56
CA THR B 204 -32.51 43.10 4.69
C THR B 204 -33.79 42.35 5.02
N GLN B 205 -34.91 43.06 5.00
CA GLN B 205 -36.24 42.45 5.03
C GLN B 205 -37.15 43.13 4.01
N SER B 206 -38.02 42.35 3.38
CA SER B 206 -38.78 42.79 2.20
C SER B 206 -40.18 42.16 2.08
N ASN B 207 -41.11 42.91 1.48
CA ASN B 207 -42.46 42.39 1.21
C ASN B 207 -42.90 42.82 -0.18
N LEU B 208 -43.52 41.89 -0.90
CA LEU B 208 -43.99 42.15 -2.26
C LEU B 208 -45.51 42.19 -2.29
N SER B 209 -46.04 43.22 -2.94
CA SER B 209 -47.48 43.39 -3.06
C SER B 209 -47.93 44.00 -4.38
N LYS B 210 -49.26 44.04 -4.52
CA LYS B 210 -49.92 44.68 -5.63
C LYS B 210 -50.66 45.94 -5.19
N ASP B 211 -50.89 46.82 -6.16
CA ASP B 211 -51.72 48.02 -6.07
C ASP B 211 -53.03 47.66 -6.75
N PRO B 212 -54.16 47.84 -6.06
CA PRO B 212 -55.41 47.35 -6.65
C PRO B 212 -56.04 48.25 -7.73
N ASN B 213 -55.45 49.43 -8.00
CA ASN B 213 -55.89 50.28 -9.11
C ASN B 213 -54.89 50.26 -10.26
N GLU B 214 -54.03 49.27 -10.28
CA GLU B 214 -53.09 49.13 -11.36
C GLU B 214 -53.47 47.92 -12.16
N LYS B 215 -53.56 48.08 -13.48
CA LYS B 215 -53.99 47.00 -14.35
C LYS B 215 -52.84 46.46 -15.19
N ARG B 216 -51.77 47.23 -15.31
CA ARG B 216 -50.52 46.81 -15.94
C ARG B 216 -49.69 45.87 -15.04
N ASP B 217 -48.73 45.15 -15.61
CA ASP B 217 -47.97 44.20 -14.81
C ASP B 217 -46.95 44.92 -13.90
N HIS B 218 -47.16 44.78 -12.60
CA HIS B 218 -46.47 45.59 -11.61
C HIS B 218 -46.09 44.86 -10.30
N MET B 219 -45.12 45.42 -9.60
CA MET B 219 -44.77 44.99 -8.26
C MET B 219 -44.59 46.21 -7.36
N VAL B 220 -45.22 46.18 -6.18
CA VAL B 220 -44.95 47.14 -5.11
C VAL B 220 -43.93 46.55 -4.14
N LEU B 221 -42.75 47.15 -4.07
CA LEU B 221 -41.62 46.66 -3.26
C LEU B 221 -41.36 47.50 -2.00
N LEU B 222 -41.38 46.86 -0.84
CA LEU B 222 -40.98 47.50 0.42
C LEU B 222 -39.76 46.84 1.04
N GLU B 223 -38.67 47.60 1.13
CA GLU B 223 -37.41 47.13 1.70
C GLU B 223 -37.03 47.79 3.01
N PHE B 224 -36.59 46.98 3.96
CA PHE B 224 -35.92 47.50 5.15
C PHE B 224 -34.46 47.06 5.07
N VAL B 225 -33.52 47.97 5.34
CA VAL B 225 -32.11 47.62 5.29
C VAL B 225 -31.31 48.26 6.41
N THR B 226 -30.69 47.43 7.26
CA THR B 226 -29.85 47.93 8.36
C THR B 226 -28.44 47.33 8.39
N ALA B 227 -27.41 48.18 8.39
CA ALA B 227 -26.03 47.73 8.58
C ALA B 227 -25.78 47.21 10.02
N ALA B 228 -24.79 46.32 10.18
CA ALA B 228 -24.60 45.57 11.42
C ALA B 228 -23.24 44.88 11.42
N GLY B 229 -23.03 43.94 12.34
CA GLY B 229 -21.87 43.05 12.30
C GLY B 229 -20.49 43.60 12.64
N ILE B 230 -20.44 44.83 13.11
CA ILE B 230 -19.29 45.39 13.78
C ILE B 230 -19.74 45.69 15.21
N THR B 231 -18.93 45.36 16.21
CA THR B 231 -19.25 45.65 17.62
C THR B 231 -19.59 47.13 17.87
N ALA B 235 -9.07 44.39 18.35
CA ALA B 235 -8.01 43.94 19.25
C ALA B 235 -6.94 43.10 18.53
N SER B 236 -6.22 42.30 19.29
CA SER B 236 -5.26 41.35 18.75
C SER B 236 -6.00 40.04 18.49
N THR B 237 -7.21 39.95 19.04
CA THR B 237 -8.12 38.84 18.79
C THR B 237 -8.42 38.73 17.30
N LYS B 238 -8.30 39.87 16.60
CA LYS B 238 -8.39 39.91 15.15
C LYS B 238 -7.41 38.94 14.53
N LYS B 239 -6.13 39.14 14.83
CA LYS B 239 -5.03 38.37 14.25
C LYS B 239 -5.16 36.85 14.43
N LEU B 240 -5.87 36.44 15.48
CA LEU B 240 -6.03 35.03 15.82
C LEU B 240 -7.00 34.30 14.89
N SER B 241 -8.18 34.89 14.71
CA SER B 241 -9.24 34.29 13.91
C SER B 241 -8.90 34.34 12.42
N GLU B 242 -7.93 35.17 12.07
CA GLU B 242 -7.47 35.21 10.69
C GLU B 242 -6.82 33.88 10.37
N SER B 243 -6.17 33.31 11.38
CA SER B 243 -5.51 32.02 11.24
C SER B 243 -6.50 30.86 11.29
N LEU B 244 -7.36 30.87 12.31
CA LEU B 244 -8.41 29.87 12.42
C LEU B 244 -9.21 29.82 11.14
N LYS B 245 -9.44 30.99 10.56
CA LYS B 245 -10.01 31.10 9.23
C LYS B 245 -9.27 30.19 8.25
N ARG B 246 -8.01 30.52 7.95
CA ARG B 246 -7.27 29.79 6.93
C ARG B 246 -7.13 28.28 7.21
N ILE B 247 -6.97 27.92 8.48
CA ILE B 247 -6.80 26.51 8.87
C ILE B 247 -8.05 25.68 8.54
N GLY B 248 -9.23 26.25 8.78
CA GLY B 248 -10.47 25.59 8.42
C GLY B 248 -10.70 25.75 6.92
N ASP B 249 -10.04 26.76 6.35
CA ASP B 249 -10.21 27.06 4.94
C ASP B 249 -9.43 26.09 4.06
N GLU B 250 -8.11 26.04 4.23
CA GLU B 250 -7.24 25.09 3.53
C GLU B 250 -7.80 23.68 3.69
N LEU B 251 -8.35 23.43 4.87
CA LEU B 251 -8.99 22.17 5.21
C LEU B 251 -10.17 21.87 4.29
N ASP B 252 -11.14 22.77 4.23
CA ASP B 252 -12.33 22.53 3.43
C ASP B 252 -12.04 22.62 1.93
N SER B 253 -10.96 23.31 1.59
CA SER B 253 -10.59 23.49 0.18
C SER B 253 -9.52 22.50 -0.29
N ASN B 254 -8.95 21.73 0.62
CA ASN B 254 -7.94 20.71 0.27
C ASN B 254 -8.54 19.63 -0.63
N MET B 255 -8.30 19.76 -1.93
CA MET B 255 -8.94 18.89 -2.91
C MET B 255 -8.54 17.43 -2.80
N GLU B 256 -7.35 17.18 -2.26
CA GLU B 256 -6.88 15.83 -2.00
C GLU B 256 -7.89 15.13 -1.12
N LEU B 257 -8.07 15.72 0.05
CA LEU B 257 -8.92 15.20 1.12
C LEU B 257 -10.39 15.07 0.71
N GLN B 258 -10.93 16.12 0.11
CA GLN B 258 -12.35 16.14 -0.28
C GLN B 258 -12.65 14.99 -1.24
N ARG B 259 -11.76 14.80 -2.22
CA ARG B 259 -11.85 13.68 -3.15
C ARG B 259 -11.80 12.36 -2.40
N MET B 260 -10.82 12.24 -1.50
CA MET B 260 -10.56 11.03 -0.73
C MET B 260 -11.77 10.54 0.06
N ILE B 261 -12.49 11.47 0.69
CA ILE B 261 -13.59 11.09 1.56
C ILE B 261 -14.85 10.78 0.75
N ALA B 262 -15.10 11.58 -0.28
CA ALA B 262 -16.17 11.30 -1.22
C ALA B 262 -15.99 9.88 -1.74
N ALA B 263 -14.76 9.55 -2.12
CA ALA B 263 -14.41 8.19 -2.50
C ALA B 263 -14.32 7.28 -1.28
N VAL B 264 -15.49 6.85 -0.79
CA VAL B 264 -15.56 5.83 0.26
C VAL B 264 -16.93 5.11 0.24
N ASP B 265 -16.92 3.83 0.58
CA ASP B 265 -18.13 3.00 0.55
C ASP B 265 -18.89 3.09 1.88
N THR B 266 -19.98 3.84 1.86
CA THR B 266 -20.68 4.21 3.08
C THR B 266 -22.14 3.77 3.11
N ASP B 267 -22.44 2.64 2.48
CA ASP B 267 -23.76 2.04 2.57
C ASP B 267 -23.84 1.26 3.89
N SER B 268 -22.71 0.66 4.23
CA SER B 268 -22.49 0.06 5.54
C SER B 268 -21.44 0.91 6.24
N PRO B 269 -21.86 2.08 6.78
CA PRO B 269 -20.97 3.14 7.26
C PRO B 269 -20.30 2.84 8.61
N ARG B 270 -21.03 2.21 9.53
CA ARG B 270 -20.57 1.97 10.90
C ARG B 270 -19.18 1.30 11.02
N GLU B 271 -18.94 0.28 10.21
CA GLU B 271 -17.65 -0.40 10.19
C GLU B 271 -16.57 0.54 9.65
N VAL B 272 -16.90 1.23 8.56
CA VAL B 272 -15.95 2.10 7.86
C VAL B 272 -15.32 3.14 8.77
N PHE B 273 -16.15 3.78 9.60
CA PHE B 273 -15.66 4.76 10.56
C PHE B 273 -14.75 4.11 11.59
N PHE B 274 -15.25 3.07 12.23
CA PHE B 274 -14.52 2.40 13.32
C PHE B 274 -13.12 1.90 12.91
N ARG B 275 -13.01 1.32 11.72
CA ARG B 275 -11.73 0.77 11.27
C ARG B 275 -10.76 1.90 10.96
N VAL B 276 -11.27 2.95 10.32
CA VAL B 276 -10.46 4.13 10.02
C VAL B 276 -10.06 4.83 11.32
N ALA B 277 -10.97 4.78 12.29
CA ALA B 277 -10.69 5.28 13.63
C ALA B 277 -9.56 4.48 14.26
N ALA B 278 -9.70 3.16 14.23
CA ALA B 278 -8.69 2.27 14.81
C ALA B 278 -7.40 2.22 13.99
N ASP B 279 -7.47 2.56 12.72
CA ASP B 279 -6.26 2.62 11.91
C ASP B 279 -5.46 3.89 12.22
N MET B 280 -6.19 4.98 12.49
CA MET B 280 -5.56 6.23 12.90
C MET B 280 -4.81 6.06 14.20
N PHE B 281 -5.27 5.15 15.04
CA PHE B 281 -4.73 4.99 16.38
C PHE B 281 -4.02 3.65 16.59
N SER B 282 -3.42 3.14 15.53
CA SER B 282 -2.64 1.91 15.60
C SER B 282 -1.25 2.24 16.12
N ASP B 283 -0.80 3.47 15.90
CA ASP B 283 0.46 3.93 16.48
C ASP B 283 0.21 4.51 17.87
N GLY B 284 -1.08 4.64 18.21
CA GLY B 284 -1.50 4.95 19.56
C GLY B 284 -0.97 6.25 20.12
N ASN B 285 -0.72 7.20 19.22
CA ASN B 285 -0.24 8.53 19.59
C ASN B 285 -1.36 9.57 19.48
N PHE B 286 -2.25 9.56 20.47
CA PHE B 286 -3.41 10.44 20.52
C PHE B 286 -3.02 11.90 20.76
N ASN B 287 -3.64 12.80 20.00
CA ASN B 287 -3.58 14.24 20.25
C ASN B 287 -4.88 14.87 19.78
N TRP B 288 -5.28 15.97 20.42
CA TRP B 288 -6.55 16.64 20.10
C TRP B 288 -6.76 16.93 18.62
N GLY B 289 -5.66 17.14 17.89
CA GLY B 289 -5.74 17.37 16.45
C GLY B 289 -6.44 16.25 15.72
N ARG B 290 -6.12 15.01 16.10
CA ARG B 290 -6.72 13.83 15.49
C ARG B 290 -8.15 13.58 15.96
N VAL B 291 -8.39 13.88 17.23
CA VAL B 291 -9.73 13.78 17.81
C VAL B 291 -10.67 14.67 17.02
N VAL B 292 -10.16 15.83 16.62
CA VAL B 292 -10.93 16.79 15.85
C VAL B 292 -10.99 16.41 14.37
N ALA B 293 -9.86 16.03 13.80
CA ALA B 293 -9.82 15.61 12.39
C ALA B 293 -10.66 14.36 12.16
N LEU B 294 -10.83 13.55 13.19
CA LEU B 294 -11.70 12.40 13.06
C LEU B 294 -13.13 12.82 13.38
N PHE B 295 -13.29 13.95 14.07
CA PHE B 295 -14.61 14.48 14.36
C PHE B 295 -15.10 15.35 13.21
N TYR B 296 -14.23 15.61 12.23
CA TYR B 296 -14.60 16.24 10.96
C TYR B 296 -15.00 15.10 10.04
N PHE B 297 -14.38 13.95 10.27
CA PHE B 297 -14.73 12.76 9.52
C PHE B 297 -16.12 12.27 9.92
N ALA B 298 -16.27 11.80 11.16
CA ALA B 298 -17.58 11.43 11.70
C ALA B 298 -18.64 12.51 11.47
N SER B 299 -18.19 13.76 11.39
CA SER B 299 -19.01 14.87 10.92
C SER B 299 -19.48 14.55 9.50
N LYS B 300 -18.53 14.51 8.55
CA LYS B 300 -18.83 14.28 7.13
C LYS B 300 -19.63 13.00 6.84
N LEU B 301 -19.72 12.10 7.82
CA LEU B 301 -20.54 10.89 7.71
C LEU B 301 -21.99 11.19 8.05
N VAL B 302 -22.57 12.11 7.29
CA VAL B 302 -23.92 12.61 7.52
C VAL B 302 -24.64 12.95 6.20
N LEU B 303 -24.09 13.92 5.46
CA LEU B 303 -24.72 14.45 4.25
C LEU B 303 -25.13 13.40 3.22
N SER C 5 43.23 -46.45 -10.03
CA SER C 5 43.74 -46.47 -8.65
C SER C 5 44.51 -47.75 -8.30
N LYS C 6 45.38 -47.67 -7.29
CA LYS C 6 46.11 -48.83 -6.79
C LYS C 6 45.23 -49.55 -5.75
N GLY C 7 44.32 -48.81 -5.13
CA GLY C 7 43.38 -49.39 -4.19
C GLY C 7 42.45 -50.38 -4.85
N GLU C 8 42.06 -50.08 -6.08
CA GLU C 8 41.17 -50.92 -6.87
C GLU C 8 41.65 -52.39 -6.93
N GLU C 9 42.97 -52.59 -6.91
CA GLU C 9 43.57 -53.92 -7.03
C GLU C 9 43.38 -54.79 -5.79
N LEU C 10 42.96 -54.17 -4.69
CA LEU C 10 42.72 -54.88 -3.44
C LEU C 10 41.30 -55.45 -3.36
N PHE C 11 40.44 -55.04 -4.29
CA PHE C 11 39.02 -55.34 -4.18
C PHE C 11 38.50 -56.28 -5.25
N THR C 12 39.40 -56.77 -6.10
CA THR C 12 39.12 -57.97 -6.88
C THR C 12 39.05 -59.13 -5.88
N GLY C 13 38.14 -60.06 -6.12
CA GLY C 13 38.02 -61.22 -5.23
C GLY C 13 37.42 -60.90 -3.87
N VAL C 14 36.95 -61.95 -3.20
CA VAL C 14 36.27 -61.83 -1.91
C VAL C 14 37.22 -61.37 -0.78
N VAL C 15 36.88 -60.24 -0.16
CA VAL C 15 37.64 -59.67 0.95
C VAL C 15 36.93 -59.91 2.27
N PRO C 16 37.67 -60.39 3.30
CA PRO C 16 37.06 -60.54 4.62
C PRO C 16 36.80 -59.19 5.34
N ILE C 17 35.63 -59.06 5.97
CA ILE C 17 35.22 -57.82 6.64
C ILE C 17 34.99 -58.00 8.13
N LEU C 18 35.42 -57.00 8.89
CA LEU C 18 35.29 -57.01 10.33
C LEU C 18 34.76 -55.64 10.80
N VAL C 19 33.73 -55.66 11.65
CA VAL C 19 33.09 -54.41 12.09
C VAL C 19 32.91 -54.30 13.62
N GLU C 20 33.40 -53.18 14.18
CA GLU C 20 33.32 -52.86 15.61
C GLU C 20 32.59 -51.54 15.92
N LEU C 21 31.50 -51.59 16.70
CA LEU C 21 30.79 -50.36 17.07
C LEU C 21 30.63 -50.14 18.60
N ASP C 22 30.88 -48.91 19.06
CA ASP C 22 30.58 -48.47 20.43
C ASP C 22 29.50 -47.37 20.45
N GLY C 23 28.37 -47.65 21.09
CA GLY C 23 27.23 -46.75 21.01
C GLY C 23 26.72 -46.18 22.32
N ASP C 24 26.05 -45.03 22.22
CA ASP C 24 25.44 -44.34 23.35
C ASP C 24 24.20 -43.56 22.87
N VAL C 25 23.00 -44.06 23.19
CA VAL C 25 21.75 -43.44 22.72
C VAL C 25 20.80 -43.11 23.87
N ASN C 26 20.72 -41.83 24.21
CA ASN C 26 20.00 -41.35 25.39
C ASN C 26 20.54 -42.04 26.65
N GLY C 27 21.87 -42.03 26.78
CA GLY C 27 22.54 -42.67 27.89
C GLY C 27 22.48 -44.20 27.92
N HIS C 28 21.89 -44.82 26.89
CA HIS C 28 21.99 -46.27 26.71
C HIS C 28 23.24 -46.58 25.91
N LYS C 29 24.15 -47.30 26.55
CA LYS C 29 25.37 -47.69 25.91
C LYS C 29 25.14 -49.07 25.33
N PHE C 30 25.96 -49.46 24.36
CA PHE C 30 25.91 -50.79 23.75
C PHE C 30 27.09 -51.00 22.81
N SER C 31 27.37 -52.26 22.51
CA SER C 31 28.44 -52.60 21.59
C SER C 31 28.02 -53.69 20.59
N VAL C 32 28.51 -53.55 19.37
CA VAL C 32 28.25 -54.49 18.28
C VAL C 32 29.52 -54.90 17.53
N SER C 33 29.66 -56.21 17.34
CA SER C 33 30.70 -56.78 16.48
C SER C 33 30.10 -57.50 15.28
N GLY C 34 30.66 -57.22 14.10
CA GLY C 34 30.19 -57.82 12.87
C GLY C 34 31.31 -58.40 12.05
N GLU C 35 31.09 -59.61 11.54
CA GLU C 35 31.99 -60.18 10.55
C GLU C 35 31.27 -60.66 9.28
N GLY C 36 31.97 -60.57 8.16
CA GLY C 36 31.52 -61.14 6.90
C GLY C 36 32.56 -60.94 5.81
N GLU C 37 32.07 -60.82 4.57
CA GLU C 37 32.93 -60.70 3.40
C GLU C 37 32.25 -59.85 2.33
N GLY C 38 33.07 -59.23 1.47
CA GLY C 38 32.58 -58.34 0.44
C GLY C 38 33.16 -58.61 -0.94
N ASP C 39 32.30 -58.51 -1.96
CA ASP C 39 32.69 -58.77 -3.33
C ASP C 39 32.41 -57.55 -4.21
N ALA C 40 33.40 -56.68 -4.36
CA ALA C 40 33.20 -55.44 -5.11
C ALA C 40 32.91 -55.69 -6.59
N THR C 41 33.35 -56.83 -7.08
CA THR C 41 33.24 -57.18 -8.49
C THR C 41 31.78 -57.30 -8.90
N TYR C 42 30.95 -57.83 -7.99
CA TYR C 42 29.53 -57.95 -8.23
C TYR C 42 28.77 -57.17 -7.18
N GLY C 43 29.46 -56.17 -6.60
CA GLY C 43 28.88 -55.23 -5.66
C GLY C 43 28.04 -55.86 -4.57
N LYS C 44 28.63 -56.82 -3.87
CA LYS C 44 27.90 -57.69 -2.98
C LYS C 44 28.47 -57.68 -1.57
N LEU C 45 27.60 -57.75 -0.58
CA LEU C 45 28.00 -57.61 0.82
C LEU C 45 27.19 -58.55 1.73
N THR C 46 27.88 -59.33 2.55
CA THR C 46 27.21 -60.20 3.53
C THR C 46 27.83 -59.99 4.90
N LEU C 47 27.01 -59.65 5.89
CA LEU C 47 27.53 -59.31 7.21
C LEU C 47 26.62 -59.84 8.30
N LYS C 48 27.23 -60.36 9.37
CA LYS C 48 26.48 -60.77 10.58
C LYS C 48 26.87 -59.95 11.81
N PHE C 49 25.87 -59.47 12.51
CA PHE C 49 26.07 -58.60 13.65
C PHE C 49 25.57 -59.24 14.93
N ILE C 50 26.45 -59.29 15.92
CA ILE C 50 26.10 -59.72 17.26
C ILE C 50 26.06 -58.50 18.17
N CYS C 51 25.02 -58.38 18.99
CA CYS C 51 25.09 -57.46 20.12
C CYS C 51 25.91 -58.09 21.26
N THR C 52 27.07 -57.51 21.55
CA THR C 52 27.98 -58.04 22.58
C THR C 52 27.59 -57.61 24.00
N THR C 53 26.63 -56.70 24.11
CA THR C 53 26.17 -56.17 25.41
C THR C 53 24.72 -56.53 25.76
N GLY C 54 24.24 -57.71 25.35
CA GLY C 54 22.88 -58.11 25.64
C GLY C 54 21.92 -57.71 24.53
N LYS C 55 20.71 -57.27 24.90
CA LYS C 55 19.78 -56.68 23.92
C LYS C 55 20.22 -55.32 23.42
N LEU C 56 19.74 -54.99 22.23
CA LEU C 56 20.05 -53.71 21.60
C LEU C 56 19.03 -52.67 22.09
N PRO C 57 19.51 -51.45 22.43
CA PRO C 57 18.56 -50.42 22.89
C PRO C 57 17.75 -49.79 21.76
N VAL C 58 18.27 -49.84 20.54
CA VAL C 58 17.60 -49.27 19.37
C VAL C 58 17.08 -50.40 18.45
N PRO C 59 16.23 -50.07 17.45
CA PRO C 59 15.87 -51.19 16.57
C PRO C 59 17.02 -51.46 15.64
N TRP C 60 17.19 -52.70 15.19
CA TRP C 60 18.27 -53.00 14.27
C TRP C 60 18.30 -52.11 13.02
N PRO C 61 17.15 -51.93 12.34
CA PRO C 61 17.10 -51.15 11.10
C PRO C 61 17.77 -49.76 11.14
N THR C 62 17.74 -49.11 12.30
CA THR C 62 18.36 -47.79 12.46
C THR C 62 19.86 -47.79 12.26
N LEU C 63 20.45 -48.98 12.27
CA LEU C 63 21.90 -49.09 12.31
C LEU C 63 22.52 -49.56 10.99
N VAL C 64 21.68 -50.06 10.08
CA VAL C 64 22.13 -50.60 8.80
C VAL C 64 23.14 -49.71 8.10
N THR C 65 22.84 -48.42 8.01
CA THR C 65 23.66 -47.54 7.20
C THR C 65 24.97 -47.22 7.90
N THR C 66 24.98 -47.40 9.21
CA THR C 66 26.12 -47.00 9.99
C THR C 66 27.12 -48.12 9.85
N PHE C 67 26.54 -49.33 9.88
CA PHE C 67 27.25 -50.61 9.76
C PHE C 67 27.80 -50.99 8.33
N VAL C 69 30.12 -49.92 4.26
CA VAL C 69 31.31 -50.30 3.57
C VAL C 69 31.38 -50.00 2.13
N GLN C 70 30.88 -48.81 1.83
CA GLN C 70 30.69 -48.35 0.45
C GLN C 70 31.88 -48.47 -0.52
N CYS C 71 32.92 -49.17 -0.11
CA CYS C 71 34.05 -49.48 -0.98
C CYS C 71 33.85 -50.86 -1.64
N PHE C 72 32.71 -51.47 -1.39
CA PHE C 72 32.35 -52.73 -2.01
C PHE C 72 31.26 -52.53 -3.06
N SER C 73 31.00 -51.29 -3.41
CA SER C 73 30.14 -50.97 -4.54
C SER C 73 30.77 -51.44 -5.85
N ARG C 74 29.94 -51.90 -6.77
CA ARG C 74 30.38 -52.21 -8.12
C ARG C 74 30.38 -50.93 -8.95
N TYR C 75 31.56 -50.51 -9.40
CA TYR C 75 31.69 -49.38 -10.32
C TYR C 75 31.79 -49.89 -11.77
N PRO C 76 30.80 -49.56 -12.62
CA PRO C 76 30.88 -49.92 -14.04
C PRO C 76 32.18 -49.39 -14.63
N ASP C 77 32.71 -50.06 -15.65
CA ASP C 77 34.04 -49.74 -16.19
C ASP C 77 34.22 -48.26 -16.49
N HIS C 78 33.22 -47.68 -17.16
CA HIS C 78 33.29 -46.27 -17.56
C HIS C 78 33.32 -45.30 -16.37
N MET C 79 33.09 -45.83 -15.17
CA MET C 79 33.02 -45.00 -13.96
C MET C 79 34.26 -45.15 -13.04
N LYS C 80 34.93 -46.29 -13.12
CA LYS C 80 35.99 -46.66 -12.16
C LYS C 80 37.06 -45.62 -11.81
N GLN C 81 36.95 -44.41 -12.34
CA GLN C 81 37.89 -43.35 -12.00
C GLN C 81 37.25 -42.37 -11.00
N HIS C 82 35.96 -42.55 -10.75
CA HIS C 82 35.25 -41.73 -9.77
C HIS C 82 35.01 -42.52 -8.48
N ASP C 83 35.70 -43.64 -8.38
CA ASP C 83 35.64 -44.50 -7.21
C ASP C 83 36.61 -43.94 -6.16
N PHE C 84 36.07 -43.14 -5.24
CA PHE C 84 36.85 -42.55 -4.17
C PHE C 84 37.25 -43.58 -3.12
N PHE C 85 36.25 -44.30 -2.63
CA PHE C 85 36.41 -45.24 -1.53
C PHE C 85 37.56 -46.22 -1.72
N LYS C 86 37.58 -46.93 -2.85
CA LYS C 86 38.65 -47.87 -3.08
C LYS C 86 40.02 -47.19 -3.22
N SER C 87 40.03 -46.00 -3.81
CA SER C 87 41.27 -45.29 -4.14
C SER C 87 42.02 -44.78 -2.91
N ALA C 88 41.30 -44.69 -1.79
CA ALA C 88 41.88 -44.21 -0.54
C ALA C 88 42.56 -45.32 0.24
N MET C 89 42.41 -46.55 -0.25
CA MET C 89 42.94 -47.73 0.43
C MET C 89 44.41 -47.95 0.04
N PRO C 90 45.17 -48.75 0.83
CA PRO C 90 44.78 -49.50 2.03
C PRO C 90 44.80 -48.63 3.29
N GLU C 91 45.30 -47.41 3.13
CA GLU C 91 45.49 -46.52 4.27
C GLU C 91 44.14 -46.18 4.89
N GLY C 92 43.16 -45.93 4.03
CA GLY C 92 41.79 -45.81 4.49
C GLY C 92 41.21 -44.43 4.48
N TYR C 93 40.00 -44.32 5.02
CA TYR C 93 39.30 -43.06 5.08
C TYR C 93 38.46 -42.96 6.36
N VAL C 94 37.96 -41.77 6.65
CA VAL C 94 37.14 -41.49 7.83
C VAL C 94 35.75 -41.05 7.39
N GLN C 95 34.71 -41.65 7.96
CA GLN C 95 33.34 -41.39 7.54
C GLN C 95 32.51 -40.83 8.69
N GLU C 96 32.13 -39.55 8.57
CA GLU C 96 31.38 -38.86 9.61
C GLU C 96 29.95 -38.56 9.13
N ARG C 97 28.97 -38.95 9.94
CA ARG C 97 27.58 -38.69 9.59
C ARG C 97 26.82 -38.01 10.70
N THR C 98 25.76 -37.33 10.33
CA THR C 98 24.75 -36.92 11.28
C THR C 98 23.44 -37.45 10.71
N ILE C 99 22.51 -37.87 11.57
CA ILE C 99 21.32 -38.57 11.10
C ILE C 99 20.06 -38.10 11.83
N PHE C 100 19.32 -37.20 11.18
CA PHE C 100 18.14 -36.61 11.79
C PHE C 100 16.91 -37.45 11.51
N PHE C 101 16.47 -38.23 12.49
CA PHE C 101 15.17 -38.86 12.37
C PHE C 101 14.12 -37.76 12.52
N LYS C 102 13.30 -37.58 11.49
CA LYS C 102 12.28 -36.54 11.53
C LYS C 102 11.36 -36.72 12.73
N ASP C 103 11.09 -35.61 13.41
CA ASP C 103 10.25 -35.55 14.62
C ASP C 103 10.92 -36.26 15.78
N ASP C 104 12.25 -36.28 15.80
CA ASP C 104 12.97 -37.14 16.71
C ASP C 104 14.48 -36.89 16.82
N GLY C 105 15.17 -37.79 17.53
CA GLY C 105 16.53 -37.62 17.94
C GLY C 105 17.55 -37.62 16.81
N ASN C 106 18.82 -37.81 17.12
CA ASN C 106 19.81 -37.87 16.06
C ASN C 106 21.04 -38.71 16.43
N TYR C 107 21.62 -39.36 15.42
CA TYR C 107 22.91 -40.04 15.59
C TYR C 107 24.06 -39.17 15.07
N LYS C 108 25.13 -39.06 15.84
CA LYS C 108 26.36 -38.49 15.31
C LYS C 108 27.46 -39.54 15.38
N THR C 109 27.94 -39.95 14.21
CA THR C 109 28.92 -41.04 14.11
C THR C 109 30.27 -40.59 13.58
N ARG C 110 31.30 -41.34 13.96
CA ARG C 110 32.59 -41.25 13.30
C ARG C 110 33.18 -42.64 13.19
N ALA C 111 33.51 -43.02 11.97
CA ALA C 111 34.07 -44.33 11.67
C ALA C 111 35.39 -44.22 10.90
N GLU C 112 36.32 -45.10 11.21
CA GLU C 112 37.55 -45.24 10.44
C GLU C 112 37.50 -46.58 9.70
N VAL C 113 37.41 -46.51 8.37
CA VAL C 113 37.46 -47.69 7.54
C VAL C 113 38.80 -47.78 6.85
N LYS C 114 39.49 -48.89 7.07
CA LYS C 114 40.81 -49.14 6.50
C LYS C 114 41.17 -50.63 6.56
N PHE C 115 42.29 -50.99 5.94
CA PHE C 115 42.75 -52.37 5.88
C PHE C 115 43.69 -52.66 7.04
N GLU C 116 43.54 -53.81 7.67
CA GLU C 116 44.46 -54.26 8.71
C GLU C 116 44.99 -55.64 8.35
N GLY C 117 45.90 -55.67 7.39
CA GLY C 117 46.30 -56.92 6.78
C GLY C 117 45.30 -57.26 5.69
N ASP C 118 44.77 -58.48 5.75
CA ASP C 118 43.88 -58.97 4.69
C ASP C 118 42.43 -58.56 4.93
N THR C 119 42.14 -58.05 6.12
CA THR C 119 40.75 -57.78 6.48
C THR C 119 40.44 -56.27 6.38
N LEU C 120 39.19 -55.95 6.03
CA LEU C 120 38.73 -54.56 5.90
C LEU C 120 37.87 -54.23 7.11
N VAL C 121 38.35 -53.32 7.95
CA VAL C 121 37.66 -53.04 9.20
C VAL C 121 36.97 -51.67 9.26
N ASN C 122 35.75 -51.68 9.76
CA ASN C 122 34.98 -50.48 10.00
C ASN C 122 34.80 -50.35 11.51
N ARG C 123 35.50 -49.38 12.10
CA ARG C 123 35.46 -49.10 13.53
C ARG C 123 34.64 -47.85 13.82
N ILE C 124 33.60 -48.00 14.64
CA ILE C 124 32.57 -46.97 14.79
C ILE C 124 32.29 -46.55 16.24
N GLU C 125 32.29 -45.24 16.49
CA GLU C 125 31.72 -44.64 17.71
C GLU C 125 30.45 -43.87 17.32
N LEU C 126 29.33 -44.13 18.02
CA LEU C 126 28.05 -43.48 17.72
C LEU C 126 27.40 -42.82 18.95
N LYS C 127 26.83 -41.62 18.79
CA LYS C 127 26.26 -40.88 19.92
C LYS C 127 24.89 -40.22 19.67
N GLY C 128 23.83 -40.87 20.13
CA GLY C 128 22.47 -40.36 19.95
C GLY C 128 21.83 -39.63 21.13
N ILE C 129 21.24 -38.46 20.86
CA ILE C 129 20.57 -37.63 21.87
C ILE C 129 19.21 -37.17 21.35
N ASP C 130 18.33 -36.74 22.25
CA ASP C 130 17.08 -36.08 21.92
C ASP C 130 15.97 -37.01 21.43
N PHE C 131 16.09 -38.31 21.67
CA PHE C 131 15.00 -39.17 21.23
C PHE C 131 13.81 -39.07 22.18
N LYS C 132 12.68 -39.66 21.82
CA LYS C 132 11.50 -39.64 22.68
C LYS C 132 11.25 -41.03 23.26
N GLU C 133 11.08 -41.12 24.57
CA GLU C 133 10.88 -42.41 25.21
C GLU C 133 9.66 -43.20 24.71
N ASP C 134 8.82 -42.55 23.89
CA ASP C 134 7.66 -43.21 23.31
C ASP C 134 7.70 -43.13 21.79
N GLY C 135 8.83 -42.66 21.26
CA GLY C 135 8.97 -42.40 19.84
C GLY C 135 9.00 -43.65 18.96
N ASN C 136 9.40 -43.48 17.70
CA ASN C 136 9.47 -44.60 16.77
C ASN C 136 10.70 -45.48 17.03
N ILE C 137 11.82 -44.85 17.38
CA ILE C 137 13.05 -45.57 17.71
C ILE C 137 12.96 -46.26 19.09
N LEU C 138 13.03 -45.46 20.16
CA LEU C 138 13.12 -45.98 21.52
C LEU C 138 11.90 -46.76 21.95
N GLY C 139 10.83 -46.62 21.17
CA GLY C 139 9.63 -47.39 21.40
C GLY C 139 9.65 -48.72 20.66
N HIS C 140 10.56 -48.86 19.71
CA HIS C 140 10.65 -50.04 18.82
C HIS C 140 9.38 -50.29 17.99
N LYS C 141 9.09 -49.35 17.09
CA LYS C 141 7.95 -49.46 16.17
C LYS C 141 8.42 -49.54 14.70
N LEU C 142 9.71 -49.74 14.51
CA LEU C 142 10.23 -50.02 13.19
C LEU C 142 9.99 -51.48 12.83
N GLU C 143 9.58 -51.71 11.58
CA GLU C 143 9.42 -53.05 11.06
C GLU C 143 10.80 -53.59 10.73
N TYR C 144 11.02 -54.88 10.96
CA TYR C 144 12.29 -55.51 10.62
C TYR C 144 12.54 -55.60 9.11
N ASN C 145 12.65 -54.46 8.43
CA ASN C 145 12.94 -54.52 7.01
C ASN C 145 13.74 -53.36 6.45
N TYR C 146 13.77 -53.25 5.12
CA TYR C 146 14.52 -52.19 4.48
C TYR C 146 13.97 -51.85 3.09
N ASN C 147 14.33 -50.67 2.59
CA ASN C 147 13.92 -50.21 1.27
C ASN C 147 15.16 -49.82 0.51
N SER C 148 14.98 -49.44 -0.75
CA SER C 148 16.13 -49.16 -1.61
C SER C 148 16.29 -47.66 -1.78
N HIS C 149 17.54 -47.21 -1.88
CA HIS C 149 17.83 -45.77 -1.82
C HIS C 149 18.92 -45.37 -2.81
N ASN C 150 18.93 -44.11 -3.21
CA ASN C 150 20.02 -43.63 -4.05
C ASN C 150 20.92 -42.72 -3.22
N VAL C 151 22.21 -43.04 -3.19
CA VAL C 151 23.18 -42.40 -2.31
C VAL C 151 23.97 -41.34 -3.10
N TYR C 152 23.55 -40.08 -3.05
CA TYR C 152 24.20 -39.07 -3.89
C TYR C 152 25.56 -38.58 -3.37
N ILE C 153 26.55 -38.59 -4.27
CA ILE C 153 27.92 -38.22 -3.94
C ILE C 153 28.28 -36.96 -4.71
N MET C 154 29.31 -36.27 -4.25
CA MET C 154 29.70 -34.98 -4.80
C MET C 154 31.08 -34.72 -4.29
N ALA C 155 31.98 -34.24 -5.15
CA ALA C 155 33.34 -33.98 -4.71
C ALA C 155 33.39 -32.76 -3.80
N ASP C 156 34.31 -32.81 -2.84
CA ASP C 156 34.65 -31.67 -2.02
C ASP C 156 36.13 -31.38 -2.22
N LYS C 157 36.42 -30.67 -3.32
CA LYS C 157 37.78 -30.49 -3.81
C LYS C 157 38.65 -29.72 -2.82
N GLN C 158 38.02 -28.90 -1.99
CA GLN C 158 38.75 -28.14 -1.00
C GLN C 158 39.20 -29.02 0.18
N LYS C 159 38.38 -30.00 0.55
CA LYS C 159 38.73 -30.85 1.70
C LYS C 159 39.32 -32.21 1.30
N ASN C 160 39.57 -32.37 0.00
CA ASN C 160 40.23 -33.57 -0.53
C ASN C 160 39.45 -34.85 -0.20
N GLY C 161 38.14 -34.73 -0.13
CA GLY C 161 37.30 -35.86 0.22
C GLY C 161 36.02 -35.82 -0.57
N ILE C 162 34.94 -36.34 0.00
CA ILE C 162 33.64 -36.31 -0.67
C ILE C 162 32.55 -35.89 0.31
N LYS C 163 31.50 -35.25 -0.20
CA LYS C 163 30.31 -34.98 0.59
C LYS C 163 29.31 -36.02 0.18
N VAL C 164 28.47 -36.46 1.10
CA VAL C 164 27.49 -37.47 0.74
C VAL C 164 26.15 -37.14 1.37
N ASN C 165 25.07 -37.32 0.64
CA ASN C 165 23.76 -37.17 1.27
C ASN C 165 22.65 -38.02 0.68
N PHE C 166 21.71 -38.40 1.54
CA PHE C 166 20.57 -39.23 1.15
C PHE C 166 19.55 -39.32 2.27
N LYS C 167 18.49 -40.08 2.02
CA LYS C 167 17.35 -40.06 2.93
C LYS C 167 16.69 -41.43 3.06
N ILE C 168 16.97 -42.10 4.18
CA ILE C 168 16.46 -43.44 4.40
C ILE C 168 15.02 -43.46 4.89
N ARG C 169 14.21 -44.29 4.26
CA ARG C 169 12.84 -44.45 4.70
C ARG C 169 12.71 -45.73 5.51
N HIS C 170 12.38 -45.61 6.80
CA HIS C 170 12.09 -46.81 7.60
C HIS C 170 10.60 -47.09 7.65
N ASN C 171 10.21 -48.34 7.44
CA ASN C 171 8.82 -48.74 7.57
C ASN C 171 8.45 -48.92 9.03
N ILE C 172 7.20 -48.55 9.37
CA ILE C 172 6.63 -48.65 10.72
C ILE C 172 5.36 -49.49 10.58
N GLU C 173 4.82 -50.08 11.66
CA GLU C 173 3.67 -50.98 11.47
C GLU C 173 2.38 -50.34 10.93
N ASP C 174 2.01 -49.17 11.42
CA ASP C 174 0.78 -48.53 10.98
C ASP C 174 0.78 -48.03 9.52
N GLY C 175 1.81 -48.41 8.77
CA GLY C 175 1.90 -48.02 7.37
C GLY C 175 2.64 -46.72 7.12
N SER C 176 2.92 -45.96 8.17
CA SER C 176 3.63 -44.69 8.00
C SER C 176 5.12 -44.93 7.78
N VAL C 177 5.88 -43.86 7.59
CA VAL C 177 7.29 -43.99 7.25
C VAL C 177 8.20 -42.97 7.95
N GLN C 178 9.15 -43.48 8.73
CA GLN C 178 10.08 -42.62 9.46
C GLN C 178 11.28 -42.18 8.61
N LEU C 179 11.42 -40.89 8.35
CA LEU C 179 12.56 -40.41 7.56
C LEU C 179 13.88 -40.40 8.35
N ALA C 180 14.99 -40.60 7.65
CA ALA C 180 16.32 -40.52 8.28
C ALA C 180 17.34 -39.72 7.44
N ASP C 181 17.27 -38.41 7.57
CA ASP C 181 18.05 -37.50 6.75
C ASP C 181 19.58 -37.62 6.96
N HIS C 182 20.27 -38.28 6.04
CA HIS C 182 21.70 -38.57 6.23
C HIS C 182 22.68 -37.55 5.65
N TYR C 183 23.47 -36.93 6.52
CA TYR C 183 24.49 -35.96 6.11
C TYR C 183 25.90 -36.51 6.36
N GLN C 184 26.59 -36.93 5.31
CA GLN C 184 27.84 -37.67 5.46
C GLN C 184 29.06 -36.93 4.87
N GLN C 185 30.26 -37.33 5.29
CA GLN C 185 31.47 -36.84 4.65
C GLN C 185 32.67 -37.76 4.81
N ASN C 186 33.43 -37.93 3.73
CA ASN C 186 34.56 -38.85 3.71
C ASN C 186 35.90 -38.18 3.37
N THR C 187 36.94 -38.61 4.08
CA THR C 187 38.25 -37.98 4.07
C THR C 187 39.36 -39.01 4.30
N PRO C 188 40.38 -39.03 3.43
CA PRO C 188 41.48 -40.01 3.49
C PRO C 188 42.47 -39.79 4.64
N ILE C 189 42.71 -40.87 5.38
CA ILE C 189 43.68 -40.88 6.45
C ILE C 189 45.10 -40.73 5.90
N GLY C 190 45.32 -41.27 4.70
CA GLY C 190 46.62 -41.24 4.07
C GLY C 190 46.93 -39.93 3.37
N ASP C 191 48.18 -39.79 2.95
CA ASP C 191 48.65 -38.59 2.23
C ASP C 191 48.71 -38.85 0.73
N GLY C 192 48.58 -40.12 0.34
CA GLY C 192 48.56 -40.49 -1.06
C GLY C 192 47.45 -39.79 -1.82
N PRO C 193 47.59 -39.71 -3.16
CA PRO C 193 46.54 -39.06 -3.97
C PRO C 193 45.31 -39.96 -4.11
N VAL C 194 44.14 -39.34 -4.17
CA VAL C 194 42.90 -40.09 -4.27
C VAL C 194 42.13 -39.60 -5.49
N LEU C 195 41.00 -40.23 -5.77
CA LEU C 195 40.17 -39.84 -6.90
C LEU C 195 39.03 -38.97 -6.40
N LEU C 196 38.83 -37.83 -7.05
CA LEU C 196 37.76 -36.92 -6.66
C LEU C 196 36.66 -36.89 -7.74
N PRO C 197 35.54 -37.58 -7.44
CA PRO C 197 34.46 -37.92 -8.38
C PRO C 197 33.59 -36.77 -8.85
N ASP C 198 33.09 -36.88 -10.08
CA ASP C 198 32.01 -36.03 -10.53
C ASP C 198 30.74 -36.51 -9.86
N ASN C 199 29.71 -35.67 -9.85
CA ASN C 199 28.41 -36.07 -9.32
C ASN C 199 27.96 -37.42 -9.88
N HIS C 200 27.72 -38.37 -8.98
CA HIS C 200 27.05 -39.64 -9.32
C HIS C 200 26.33 -40.20 -8.10
N TYR C 201 25.85 -41.43 -8.18
CA TYR C 201 25.14 -42.02 -7.04
C TYR C 201 25.31 -43.54 -6.88
N LEU C 202 25.05 -44.05 -5.68
CA LEU C 202 25.08 -45.49 -5.44
C LEU C 202 23.65 -45.99 -5.30
N SER C 203 23.32 -47.03 -6.04
CA SER C 203 21.99 -47.59 -5.98
C SER C 203 22.07 -48.77 -5.03
N THR C 204 21.49 -48.60 -3.85
CA THR C 204 21.57 -49.61 -2.80
C THR C 204 20.27 -50.40 -2.69
N GLN C 205 20.40 -51.69 -2.43
CA GLN C 205 19.28 -52.55 -2.04
C GLN C 205 19.73 -53.52 -0.93
N SER C 206 18.84 -53.75 0.04
CA SER C 206 19.20 -54.45 1.28
C SER C 206 18.08 -55.36 1.82
N ASN C 207 18.47 -56.41 2.54
CA ASN C 207 17.51 -57.31 3.21
C ASN C 207 18.02 -57.70 4.59
N LEU C 208 17.11 -57.68 5.56
CA LEU C 208 17.43 -57.96 6.95
C LEU C 208 16.81 -59.30 7.35
N SER C 209 17.63 -60.15 7.96
CA SER C 209 17.20 -61.49 8.38
C SER C 209 17.84 -61.99 9.67
N LYS C 210 17.33 -63.13 10.11
CA LYS C 210 17.89 -63.84 11.26
C LYS C 210 18.55 -65.14 10.84
N ASP C 211 19.49 -65.58 11.67
CA ASP C 211 20.13 -66.90 11.65
C ASP C 211 19.38 -67.72 12.69
N PRO C 212 18.86 -68.89 12.29
CA PRO C 212 18.01 -69.61 13.25
C PRO C 212 18.78 -70.44 14.32
N ASN C 213 20.10 -70.48 14.26
CA ASN C 213 20.90 -71.14 15.31
C ASN C 213 21.60 -70.13 16.22
N GLU C 214 21.21 -68.88 16.10
CA GLU C 214 21.81 -67.85 16.93
C GLU C 214 20.78 -67.46 17.97
N LYS C 215 21.21 -67.41 19.22
CA LYS C 215 20.30 -67.12 20.32
C LYS C 215 20.56 -65.73 20.90
N ARG C 216 21.73 -65.17 20.60
CA ARG C 216 22.07 -63.79 20.95
C ARG C 216 21.38 -62.78 20.02
N ASP C 217 21.31 -61.51 20.43
CA ASP C 217 20.63 -60.51 19.60
C ASP C 217 21.48 -60.13 18.39
N HIS C 218 20.93 -60.41 17.21
CA HIS C 218 21.69 -60.34 15.97
C HIS C 218 20.91 -59.86 14.74
N MET C 219 21.68 -59.44 13.73
CA MET C 219 21.19 -59.11 12.42
C MET C 219 22.04 -59.71 11.33
N VAL C 220 21.43 -60.44 10.38
CA VAL C 220 22.10 -60.81 9.13
C VAL C 220 21.75 -59.79 8.05
N LEU C 221 22.78 -59.03 7.61
CA LEU C 221 22.65 -57.95 6.61
C LEU C 221 23.17 -58.37 5.23
N LEU C 222 22.35 -58.15 4.20
CA LEU C 222 22.74 -58.38 2.81
C LEU C 222 22.57 -57.11 2.00
N GLU C 223 23.68 -56.58 1.51
CA GLU C 223 23.67 -55.36 0.73
C GLU C 223 24.06 -55.57 -0.73
N PHE C 224 23.31 -54.93 -1.63
CA PHE C 224 23.74 -54.79 -3.01
C PHE C 224 24.04 -53.31 -3.23
N VAL C 225 25.14 -52.99 -3.91
CA VAL C 225 25.49 -51.60 -4.18
C VAL C 225 26.05 -51.44 -5.59
N THR C 226 25.42 -50.59 -6.40
CA THR C 226 25.95 -50.24 -7.73
C THR C 226 26.09 -48.73 -7.96
N ALA C 227 27.27 -48.28 -8.41
CA ALA C 227 27.41 -46.89 -8.86
C ALA C 227 26.68 -46.65 -10.19
N ALA C 228 26.36 -45.38 -10.49
CA ALA C 228 25.45 -45.03 -11.58
C ALA C 228 25.45 -43.53 -11.81
N GLY C 229 24.52 -43.04 -12.64
CA GLY C 229 24.29 -41.61 -12.78
C GLY C 229 25.29 -40.74 -13.54
N ILE C 230 26.28 -41.38 -14.14
CA ILE C 230 27.09 -40.76 -15.17
C ILE C 230 26.80 -41.53 -16.46
N THR C 231 26.56 -40.82 -17.56
CA THR C 231 26.28 -41.46 -18.87
C THR C 231 27.32 -42.53 -19.27
N ALA C 235 29.60 -32.21 -21.93
CA ALA C 235 29.44 -31.20 -22.99
C ALA C 235 29.38 -29.77 -22.45
N SER C 236 28.80 -28.88 -23.24
CA SER C 236 28.53 -27.51 -22.82
C SER C 236 27.14 -27.47 -22.18
N THR C 237 26.40 -28.56 -22.39
CA THR C 237 25.11 -28.77 -21.76
C THR C 237 25.26 -28.74 -20.23
N LYS C 238 26.48 -29.08 -19.77
CA LYS C 238 26.85 -28.96 -18.36
C LYS C 238 26.60 -27.55 -17.87
N LYS C 239 27.25 -26.58 -18.53
CA LYS C 239 27.22 -25.18 -18.14
C LYS C 239 25.81 -24.58 -18.05
N LEU C 240 24.88 -25.16 -18.80
CA LEU C 240 23.50 -24.66 -18.86
C LEU C 240 22.69 -25.00 -17.62
N SER C 241 22.72 -26.28 -17.24
CA SER C 241 21.94 -26.78 -16.11
C SER C 241 22.51 -26.28 -14.79
N GLU C 242 23.75 -25.80 -14.83
CA GLU C 242 24.35 -25.21 -13.64
C GLU C 242 23.57 -23.95 -13.30
N SER C 243 23.09 -23.27 -14.33
CA SER C 243 22.31 -22.06 -14.17
C SER C 243 20.87 -22.35 -13.78
N LEU C 244 20.24 -23.26 -14.54
CA LEU C 244 18.88 -23.70 -14.22
C LEU C 244 18.81 -24.16 -12.79
N LYS C 245 19.88 -24.84 -12.35
CA LYS C 245 20.06 -25.18 -10.95
C LYS C 245 19.85 -23.95 -10.07
N ARG C 246 20.76 -22.97 -10.16
CA ARG C 246 20.72 -21.82 -9.26
C ARG C 246 19.41 -21.02 -9.34
N ILE C 247 18.85 -20.90 -10.53
CA ILE C 247 17.60 -20.14 -10.73
C ILE C 247 16.42 -20.75 -9.96
N GLY C 248 16.33 -22.08 -9.99
CA GLY C 248 15.32 -22.79 -9.22
C GLY C 248 15.74 -22.83 -7.76
N ASP C 249 17.04 -22.66 -7.53
CA ASP C 249 17.59 -22.73 -6.19
C ASP C 249 17.32 -21.45 -5.40
N GLU C 250 17.83 -20.32 -5.91
CA GLU C 250 17.55 -19.01 -5.32
C GLU C 250 16.06 -18.83 -5.10
N LEU C 251 15.30 -19.37 -6.06
CA LEU C 251 13.85 -19.35 -6.02
C LEU C 251 13.30 -20.08 -4.79
N ASP C 252 13.67 -21.35 -4.62
CA ASP C 252 13.14 -22.13 -3.52
C ASP C 252 13.73 -21.69 -2.17
N SER C 253 14.88 -21.04 -2.23
CA SER C 253 15.57 -20.58 -1.02
C SER C 253 15.31 -19.11 -0.68
N ASN C 254 14.66 -18.38 -1.58
CA ASN C 254 14.31 -16.97 -1.35
C ASN C 254 13.35 -16.84 -0.18
N MET C 255 13.89 -16.49 0.99
CA MET C 255 13.11 -16.48 2.22
C MET C 255 12.00 -15.43 2.23
N GLU C 256 12.18 -14.37 1.45
CA GLU C 256 11.14 -13.35 1.29
C GLU C 256 9.87 -14.02 0.81
N LEU C 257 10.01 -14.64 -0.35
CA LEU C 257 8.91 -15.28 -1.06
C LEU C 257 8.25 -16.43 -0.29
N GLN C 258 9.08 -17.32 0.26
CA GLN C 258 8.57 -18.48 0.99
C GLN C 258 7.70 -18.03 2.18
N ARG C 259 8.18 -17.03 2.91
CA ARG C 259 7.42 -16.42 3.99
C ARG C 259 6.10 -15.85 3.46
N MET C 260 6.20 -15.09 2.38
CA MET C 260 5.07 -14.40 1.75
C MET C 260 3.91 -15.33 1.38
N ILE C 261 4.24 -16.50 0.83
CA ILE C 261 3.21 -17.39 0.35
C ILE C 261 2.60 -18.20 1.48
N ALA C 262 3.44 -18.64 2.41
CA ALA C 262 2.98 -19.29 3.62
C ALA C 262 1.97 -18.36 4.30
N ALA C 263 2.32 -17.08 4.38
CA ALA C 263 1.39 -16.07 4.88
C ALA C 263 0.33 -15.74 3.82
N VAL C 264 -0.68 -16.61 3.71
CA VAL C 264 -1.86 -16.34 2.90
C VAL C 264 -3.06 -17.16 3.37
N ASP C 265 -4.26 -16.59 3.24
CA ASP C 265 -5.48 -17.24 3.70
C ASP C 265 -6.08 -18.13 2.61
N THR C 266 -5.91 -19.44 2.80
CA THR C 266 -6.21 -20.41 1.75
C THR C 266 -7.24 -21.47 2.18
N ASP C 267 -8.19 -21.07 3.03
CA ASP C 267 -9.32 -21.93 3.37
C ASP C 267 -10.34 -21.82 2.25
N SER C 268 -10.45 -20.61 1.73
CA SER C 268 -11.21 -20.33 0.51
C SER C 268 -10.19 -19.95 -0.56
N PRO C 269 -9.51 -20.97 -1.14
CA PRO C 269 -8.33 -20.78 -1.99
C PRO C 269 -8.64 -20.27 -3.40
N ARG C 270 -9.73 -20.74 -3.99
CA ARG C 270 -10.10 -20.43 -5.39
C ARG C 270 -10.09 -18.93 -5.75
N GLU C 271 -10.67 -18.11 -4.88
CA GLU C 271 -10.68 -16.67 -5.10
C GLU C 271 -9.26 -16.10 -5.00
N VAL C 272 -8.53 -16.55 -3.99
CA VAL C 272 -7.18 -16.05 -3.69
C VAL C 272 -6.24 -16.15 -4.89
N PHE C 273 -6.27 -17.29 -5.56
CA PHE C 273 -5.45 -17.51 -6.74
C PHE C 273 -5.88 -16.56 -7.86
N PHE C 274 -7.16 -16.58 -8.20
CA PHE C 274 -7.69 -15.81 -9.30
C PHE C 274 -7.41 -14.30 -9.20
N ARG C 275 -7.56 -13.74 -8.01
CA ARG C 275 -7.35 -12.30 -7.83
C ARG C 275 -5.88 -11.96 -7.96
N VAL C 276 -5.02 -12.80 -7.37
CA VAL C 276 -3.58 -12.64 -7.47
C VAL C 276 -3.14 -12.83 -8.92
N ALA C 277 -3.83 -13.73 -9.61
CA ALA C 277 -3.61 -13.94 -11.04
C ALA C 277 -3.96 -12.68 -11.81
N ALA C 278 -5.16 -12.16 -11.54
CA ALA C 278 -5.64 -10.95 -12.21
C ALA C 278 -4.91 -9.68 -11.76
N ASP C 279 -4.32 -9.71 -10.58
CA ASP C 279 -3.52 -8.57 -10.14
C ASP C 279 -2.16 -8.56 -10.83
N MET C 280 -1.61 -9.75 -11.06
CA MET C 280 -0.36 -9.89 -11.80
C MET C 280 -0.51 -9.34 -13.22
N PHE C 281 -1.73 -9.43 -13.76
CA PHE C 281 -1.96 -9.09 -15.15
C PHE C 281 -2.85 -7.87 -15.33
N SER C 282 -2.76 -6.94 -14.39
CA SER C 282 -3.49 -5.69 -14.47
C SER C 282 -2.74 -4.72 -15.37
N ASP C 283 -1.42 -4.90 -15.47
CA ASP C 283 -0.61 -4.13 -16.41
C ASP C 283 -0.59 -4.84 -17.77
N GLY C 284 -1.11 -6.06 -17.78
CA GLY C 284 -1.39 -6.80 -19.01
C GLY C 284 -0.19 -7.05 -19.88
N ASN C 285 0.98 -7.15 -19.24
CA ASN C 285 2.23 -7.44 -19.91
C ASN C 285 2.67 -8.88 -19.66
N PHE C 286 2.02 -9.80 -20.38
CA PHE C 286 2.26 -11.24 -20.26
C PHE C 286 3.63 -11.65 -20.82
N ASN C 287 4.33 -12.49 -20.08
CA ASN C 287 5.52 -13.18 -20.55
C ASN C 287 5.62 -14.54 -19.87
N TRP C 288 6.23 -15.51 -20.53
CA TRP C 288 6.33 -16.87 -20.00
C TRP C 288 6.88 -16.98 -18.59
N GLY C 289 7.72 -16.01 -18.20
CA GLY C 289 8.25 -15.97 -16.86
C GLY C 289 7.16 -15.93 -15.80
N ARG C 290 6.14 -15.12 -16.06
CA ARG C 290 5.02 -14.95 -15.14
C ARG C 290 4.06 -16.13 -15.19
N VAL C 291 3.89 -16.69 -16.38
CA VAL C 291 3.07 -17.88 -16.57
C VAL C 291 3.63 -19.00 -15.71
N VAL C 292 4.94 -19.05 -15.63
CA VAL C 292 5.63 -20.07 -14.86
C VAL C 292 5.65 -19.71 -13.37
N ALA C 293 5.98 -18.46 -13.06
CA ALA C 293 5.99 -17.99 -11.66
C ALA C 293 4.60 -18.09 -11.02
N LEU C 294 3.56 -17.99 -11.85
CA LEU C 294 2.22 -18.18 -11.32
C LEU C 294 1.87 -19.67 -11.32
N PHE C 295 2.60 -20.45 -12.11
CA PHE C 295 2.40 -21.89 -12.12
C PHE C 295 3.24 -22.57 -11.03
N TYR C 296 4.09 -21.78 -10.37
CA TYR C 296 4.81 -22.20 -9.16
C TYR C 296 3.88 -21.85 -8.00
N PHE C 297 3.10 -20.80 -8.21
CA PHE C 297 2.12 -20.41 -7.22
C PHE C 297 0.99 -21.44 -7.16
N ALA C 298 0.20 -21.53 -8.24
CA ALA C 298 -0.83 -22.56 -8.36
C ALA C 298 -0.31 -23.96 -8.03
N SER C 299 0.99 -24.16 -8.26
CA SER C 299 1.70 -25.34 -7.78
C SER C 299 1.59 -25.36 -6.25
N LYS C 300 2.21 -24.39 -5.59
CA LYS C 300 2.24 -24.31 -4.12
C LYS C 300 0.86 -24.33 -3.44
N LEU C 301 -0.20 -24.13 -4.21
CA LEU C 301 -1.57 -24.22 -3.71
C LEU C 301 -2.04 -25.67 -3.71
N VAL C 302 -1.30 -26.51 -2.97
CA VAL C 302 -1.53 -27.96 -2.93
C VAL C 302 -1.21 -28.53 -1.53
N LEU C 303 0.05 -28.42 -1.12
CA LEU C 303 0.56 -29.03 0.12
C LEU C 303 -0.27 -28.72 1.37
N SER D 5 -13.33 14.78 -10.53
CA SER D 5 -12.75 15.66 -11.55
C SER D 5 -13.73 16.71 -12.10
N LYS D 6 -13.22 17.90 -12.38
CA LYS D 6 -14.04 18.98 -12.96
C LYS D 6 -14.24 18.73 -14.45
N GLY D 7 -13.36 17.92 -15.02
CA GLY D 7 -13.45 17.54 -16.42
C GLY D 7 -14.69 16.70 -16.69
N GLU D 8 -15.01 15.83 -15.73
CA GLU D 8 -16.12 14.88 -15.88
C GLU D 8 -17.45 15.56 -16.24
N GLU D 9 -17.64 16.80 -15.78
CA GLU D 9 -18.89 17.52 -16.04
C GLU D 9 -19.00 18.06 -17.47
N LEU D 10 -17.96 17.87 -18.26
CA LEU D 10 -17.97 18.29 -19.66
C LEU D 10 -18.45 17.15 -20.55
N PHE D 11 -18.44 15.93 -20.00
CA PHE D 11 -18.62 14.74 -20.80
C PHE D 11 -19.92 13.96 -20.60
N THR D 12 -20.82 14.49 -19.77
CA THR D 12 -22.22 14.08 -19.78
C THR D 12 -22.81 14.57 -21.12
N GLY D 13 -23.76 13.84 -21.68
CA GLY D 13 -24.38 14.24 -22.94
C GLY D 13 -23.48 14.35 -24.17
N VAL D 14 -24.08 14.20 -25.35
CA VAL D 14 -23.37 14.13 -26.63
C VAL D 14 -22.48 15.35 -26.98
N VAL D 15 -21.16 15.14 -27.02
CA VAL D 15 -20.19 16.18 -27.38
C VAL D 15 -19.77 16.13 -28.85
N PRO D 16 -19.72 17.29 -29.51
CA PRO D 16 -19.23 17.31 -30.90
C PRO D 16 -17.70 17.20 -31.02
N ILE D 17 -17.25 16.37 -31.98
CA ILE D 17 -15.83 16.13 -32.23
C ILE D 17 -15.41 16.59 -33.61
N LEU D 18 -14.18 17.11 -33.67
CA LEU D 18 -13.59 17.61 -34.89
C LEU D 18 -12.13 17.16 -34.91
N VAL D 19 -11.68 16.57 -36.01
CA VAL D 19 -10.29 16.07 -36.11
C VAL D 19 -9.50 16.57 -37.34
N GLU D 20 -8.27 17.06 -37.08
CA GLU D 20 -7.31 17.50 -38.11
C GLU D 20 -5.99 16.68 -38.12
N LEU D 21 -5.65 16.10 -39.26
CA LEU D 21 -4.39 15.36 -39.41
C LEU D 21 -3.50 15.84 -40.57
N ASP D 22 -2.19 15.99 -40.31
CA ASP D 22 -1.17 16.22 -41.36
C ASP D 22 -0.14 15.09 -41.39
N GLY D 23 -0.22 14.25 -42.42
CA GLY D 23 0.63 13.08 -42.52
C GLY D 23 1.76 13.15 -43.54
N ASP D 24 2.77 12.32 -43.30
CA ASP D 24 3.98 12.24 -44.12
C ASP D 24 4.57 10.82 -44.02
N VAL D 25 4.27 9.96 -44.98
CA VAL D 25 4.73 8.57 -44.94
C VAL D 25 5.56 8.17 -46.17
N ASN D 26 6.87 8.03 -45.95
CA ASN D 26 7.82 7.76 -47.03
C ASN D 26 7.72 8.88 -48.07
N GLY D 27 7.75 10.11 -47.58
CA GLY D 27 7.60 11.30 -48.40
C GLY D 27 6.27 11.46 -49.11
N HIS D 28 5.30 10.61 -48.81
CA HIS D 28 3.91 10.86 -49.21
C HIS D 28 3.25 11.69 -48.15
N LYS D 29 2.94 12.94 -48.51
CA LYS D 29 2.24 13.82 -47.62
C LYS D 29 0.75 13.57 -47.85
N PHE D 30 -0.07 14.03 -46.92
CA PHE D 30 -1.54 13.93 -47.02
C PHE D 30 -2.19 14.62 -45.83
N SER D 31 -3.47 14.92 -45.97
CA SER D 31 -4.23 15.54 -44.88
C SER D 31 -5.62 14.91 -44.73
N VAL D 32 -6.04 14.77 -43.47
CA VAL D 32 -7.37 14.25 -43.15
C VAL D 32 -8.15 15.17 -42.19
N SER D 33 -9.43 15.39 -42.52
CA SER D 33 -10.37 16.09 -41.65
C SER D 33 -11.52 15.19 -41.20
N GLY D 34 -11.79 15.18 -39.91
CA GLY D 34 -12.85 14.36 -39.39
C GLY D 34 -13.81 15.11 -38.49
N GLU D 35 -15.10 14.79 -38.59
CA GLU D 35 -16.10 15.34 -37.69
C GLU D 35 -17.09 14.28 -37.20
N GLY D 36 -17.64 14.53 -36.02
CA GLY D 36 -18.72 13.73 -35.49
C GLY D 36 -18.96 14.01 -34.02
N GLU D 37 -19.37 12.98 -33.29
CA GLU D 37 -19.78 13.14 -31.90
C GLU D 37 -19.54 11.90 -31.06
N GLY D 38 -19.34 12.10 -29.77
CA GLY D 38 -19.10 11.02 -28.84
C GLY D 38 -19.91 11.14 -27.57
N ASP D 39 -20.38 10.00 -27.09
CA ASP D 39 -21.21 9.93 -25.89
C ASP D 39 -20.49 9.13 -24.80
N ALA D 40 -19.75 9.82 -23.92
CA ALA D 40 -18.96 9.15 -22.89
C ALA D 40 -19.81 8.22 -22.03
N THR D 41 -21.01 8.71 -21.68
CA THR D 41 -21.97 7.98 -20.86
C THR D 41 -22.18 6.54 -21.29
N TYR D 42 -22.15 6.27 -22.59
CA TYR D 42 -22.32 4.90 -23.08
C TYR D 42 -21.12 4.46 -23.91
N GLY D 43 -19.99 5.13 -23.67
CA GLY D 43 -18.72 4.83 -24.30
C GLY D 43 -18.80 4.69 -25.80
N LYS D 44 -19.36 5.71 -26.46
CA LYS D 44 -19.73 5.60 -27.85
C LYS D 44 -19.06 6.69 -28.66
N LEU D 45 -18.54 6.31 -29.83
CA LEU D 45 -17.87 7.24 -30.73
C LEU D 45 -18.39 7.05 -32.15
N THR D 46 -18.70 8.14 -32.83
CA THR D 46 -19.03 8.06 -34.25
C THR D 46 -18.29 9.16 -35.01
N LEU D 47 -17.57 8.79 -36.07
CA LEU D 47 -16.70 9.73 -36.75
C LEU D 47 -16.63 9.47 -38.24
N LYS D 48 -16.58 10.55 -39.01
CA LYS D 48 -16.37 10.48 -40.46
C LYS D 48 -15.13 11.24 -40.91
N PHE D 49 -14.33 10.55 -41.70
CA PHE D 49 -13.09 11.10 -42.21
C PHE D 49 -13.15 11.27 -43.72
N ILE D 50 -12.75 12.47 -44.15
CA ILE D 50 -12.62 12.78 -45.57
C ILE D 50 -11.14 12.97 -45.85
N CYS D 51 -10.60 12.28 -46.85
CA CYS D 51 -9.27 12.64 -47.33
C CYS D 51 -9.29 13.94 -48.13
N THR D 52 -8.71 14.99 -47.56
CA THR D 52 -8.75 16.34 -48.13
C THR D 52 -7.68 16.60 -49.20
N THR D 53 -6.78 15.63 -49.40
CA THR D 53 -5.69 15.78 -50.37
C THR D 53 -5.79 14.83 -51.57
N GLY D 54 -6.92 14.13 -51.72
CA GLY D 54 -7.10 13.20 -52.83
C GLY D 54 -7.30 11.79 -52.32
N LYS D 55 -6.59 10.83 -52.90
CA LYS D 55 -6.54 9.47 -52.34
C LYS D 55 -5.54 9.39 -51.21
N LEU D 56 -5.66 8.32 -50.44
CA LEU D 56 -4.83 8.13 -49.27
C LEU D 56 -3.62 7.26 -49.63
N PRO D 57 -2.41 7.69 -49.19
CA PRO D 57 -1.19 6.91 -49.43
C PRO D 57 -1.23 5.54 -48.73
N VAL D 58 -1.81 5.53 -47.54
CA VAL D 58 -1.78 4.39 -46.65
C VAL D 58 -3.19 3.77 -46.55
N PRO D 59 -3.32 2.53 -46.05
CA PRO D 59 -4.68 1.98 -45.94
C PRO D 59 -5.41 2.67 -44.81
N TRP D 60 -6.73 2.80 -44.92
CA TRP D 60 -7.49 3.47 -43.87
C TRP D 60 -7.30 2.85 -42.49
N PRO D 61 -7.46 1.50 -42.35
CA PRO D 61 -7.28 0.81 -41.07
C PRO D 61 -6.07 1.23 -40.24
N THR D 62 -4.96 1.60 -40.87
CA THR D 62 -3.73 1.95 -40.16
C THR D 62 -3.80 3.22 -39.33
N LEU D 63 -4.89 3.95 -39.45
CA LEU D 63 -4.99 5.26 -38.85
C LEU D 63 -6.04 5.35 -37.74
N VAL D 64 -6.90 4.33 -37.64
CA VAL D 64 -7.98 4.30 -36.66
C VAL D 64 -7.52 4.72 -35.26
N THR D 65 -6.40 4.16 -34.82
CA THR D 65 -5.94 4.44 -33.47
C THR D 65 -5.43 5.86 -33.35
N THR D 66 -5.09 6.45 -34.47
CA THR D 66 -4.41 7.72 -34.40
C THR D 66 -5.50 8.75 -34.34
N PHE D 67 -6.55 8.42 -35.08
CA PHE D 67 -7.77 9.24 -35.18
C PHE D 67 -8.76 9.20 -33.95
N VAL D 69 -9.58 9.28 -29.17
CA VAL D 69 -10.34 10.12 -28.32
C VAL D 69 -10.73 9.57 -26.99
N GLN D 70 -9.75 8.91 -26.39
CA GLN D 70 -9.99 8.05 -25.24
C GLN D 70 -10.62 8.73 -24.02
N CYS D 71 -10.89 10.03 -24.15
CA CYS D 71 -11.69 10.76 -23.18
C CYS D 71 -13.19 10.48 -23.34
N PHE D 72 -13.54 9.67 -24.34
CA PHE D 72 -14.93 9.30 -24.55
C PHE D 72 -15.15 7.85 -24.17
N SER D 73 -14.25 7.31 -23.36
CA SER D 73 -14.43 5.97 -22.85
C SER D 73 -15.43 6.01 -21.70
N ARG D 74 -16.22 4.95 -21.56
CA ARG D 74 -17.12 4.87 -20.41
C ARG D 74 -16.43 4.28 -19.19
N TYR D 75 -16.26 5.12 -18.17
CA TYR D 75 -15.74 4.67 -16.88
C TYR D 75 -16.89 4.32 -15.94
N PRO D 76 -16.92 3.07 -15.42
CA PRO D 76 -17.91 2.69 -14.41
C PRO D 76 -17.70 3.53 -13.15
N ASP D 77 -18.74 3.67 -12.35
CA ASP D 77 -18.74 4.56 -11.19
C ASP D 77 -17.62 4.27 -10.19
N HIS D 78 -17.33 2.98 -10.00
CA HIS D 78 -16.31 2.59 -9.03
C HIS D 78 -14.88 2.85 -9.53
N MET D 79 -14.76 3.26 -10.79
CA MET D 79 -13.46 3.52 -11.41
C MET D 79 -13.20 5.01 -11.65
N LYS D 80 -14.27 5.78 -11.76
CA LYS D 80 -14.23 7.20 -12.18
C LYS D 80 -13.15 8.12 -11.57
N GLN D 81 -12.29 7.59 -10.70
CA GLN D 81 -11.20 8.39 -10.13
C GLN D 81 -9.87 7.98 -10.76
N HIS D 82 -9.97 7.17 -11.81
CA HIS D 82 -8.81 6.79 -12.62
C HIS D 82 -8.99 7.24 -14.08
N ASP D 83 -9.86 8.22 -14.28
CA ASP D 83 -10.09 8.82 -15.59
C ASP D 83 -9.21 10.04 -15.76
N PHE D 84 -7.99 9.81 -16.27
CA PHE D 84 -7.01 10.86 -16.51
C PHE D 84 -7.44 11.76 -17.66
N PHE D 85 -7.84 11.12 -18.75
CA PHE D 85 -8.28 11.79 -19.96
C PHE D 85 -9.26 12.93 -19.72
N LYS D 86 -10.40 12.62 -19.11
CA LYS D 86 -11.39 13.66 -18.84
C LYS D 86 -10.88 14.68 -17.83
N SER D 87 -10.18 14.22 -16.80
CA SER D 87 -9.73 15.09 -15.72
C SER D 87 -8.81 16.21 -16.22
N ALA D 88 -8.20 15.97 -17.38
CA ALA D 88 -7.23 16.90 -17.95
C ALA D 88 -7.92 18.05 -18.66
N MET D 89 -9.22 17.91 -18.88
CA MET D 89 -10.00 18.90 -19.61
C MET D 89 -10.39 20.06 -18.69
N PRO D 90 -10.78 21.21 -19.27
CA PRO D 90 -10.96 21.47 -20.70
C PRO D 90 -9.66 21.84 -21.42
N GLU D 91 -8.61 22.08 -20.64
CA GLU D 91 -7.34 22.55 -21.18
C GLU D 91 -6.73 21.46 -22.05
N GLY D 92 -6.85 20.21 -21.62
CA GLY D 92 -6.48 19.09 -22.45
C GLY D 92 -5.13 18.46 -22.18
N TYR D 93 -4.78 17.53 -23.07
CA TYR D 93 -3.54 16.77 -22.98
C TYR D 93 -2.81 16.67 -24.33
N VAL D 94 -1.62 16.07 -24.31
CA VAL D 94 -0.84 15.80 -25.52
C VAL D 94 -0.61 14.29 -25.64
N GLN D 95 -0.93 13.71 -26.80
CA GLN D 95 -0.80 12.27 -26.96
C GLN D 95 0.30 11.92 -27.98
N GLU D 96 1.41 11.41 -27.48
CA GLU D 96 2.54 11.03 -28.32
C GLU D 96 2.63 9.52 -28.43
N ARG D 97 2.69 9.03 -29.66
CA ARG D 97 2.80 7.59 -29.86
C ARG D 97 4.00 7.24 -30.71
N THR D 98 4.33 5.97 -30.71
CA THR D 98 5.21 5.38 -31.69
C THR D 98 4.57 4.06 -32.08
N ILE D 99 4.53 3.76 -33.37
CA ILE D 99 3.81 2.58 -33.83
C ILE D 99 4.67 1.72 -34.74
N PHE D 100 5.25 0.67 -34.17
CA PHE D 100 6.04 -0.25 -34.95
C PHE D 100 5.15 -1.29 -35.60
N PHE D 101 5.09 -1.30 -36.93
CA PHE D 101 4.49 -2.44 -37.60
C PHE D 101 5.60 -3.48 -37.76
N LYS D 102 5.26 -4.74 -37.52
CA LYS D 102 6.30 -5.76 -37.52
C LYS D 102 6.73 -6.04 -38.94
N ASP D 103 8.05 -6.15 -39.14
CA ASP D 103 8.67 -6.41 -40.44
C ASP D 103 8.42 -5.26 -41.40
N ASP D 104 8.36 -4.05 -40.86
CA ASP D 104 7.98 -2.91 -41.67
C ASP D 104 8.19 -1.60 -40.94
N GLY D 105 7.74 -0.50 -41.54
CA GLY D 105 8.01 0.83 -41.07
C GLY D 105 7.26 1.25 -39.82
N ASN D 106 7.38 2.52 -39.45
CA ASN D 106 6.73 3.02 -38.24
C ASN D 106 6.15 4.42 -38.36
N TYR D 107 5.07 4.67 -37.61
CA TYR D 107 4.55 6.03 -37.44
C TYR D 107 5.07 6.65 -36.14
N LYS D 108 5.33 7.95 -36.18
CA LYS D 108 5.57 8.69 -34.94
C LYS D 108 4.67 9.91 -34.95
N THR D 109 3.77 9.96 -33.97
CA THR D 109 2.70 10.95 -33.95
C THR D 109 2.77 11.83 -32.71
N ARG D 110 2.17 13.01 -32.82
CA ARG D 110 1.98 13.90 -31.69
C ARG D 110 0.69 14.70 -31.89
N ALA D 111 -0.29 14.41 -31.04
CA ALA D 111 -1.59 15.08 -31.07
C ALA D 111 -1.80 15.96 -29.84
N GLU D 112 -2.55 17.04 -30.03
CA GLU D 112 -3.08 17.81 -28.90
C GLU D 112 -4.59 17.60 -28.86
N VAL D 113 -5.10 17.04 -27.77
CA VAL D 113 -6.53 16.88 -27.61
C VAL D 113 -7.05 17.85 -26.56
N LYS D 114 -7.95 18.74 -26.98
CA LYS D 114 -8.49 19.77 -26.10
C LYS D 114 -9.82 20.33 -26.58
N PHE D 115 -10.42 21.20 -25.77
CA PHE D 115 -11.72 21.77 -26.09
C PHE D 115 -11.56 23.12 -26.75
N GLU D 116 -12.26 23.35 -27.84
CA GLU D 116 -12.29 24.67 -28.45
C GLU D 116 -13.71 25.18 -28.47
N GLY D 117 -14.14 25.69 -27.32
CA GLY D 117 -15.53 26.04 -27.11
C GLY D 117 -16.32 24.81 -26.73
N ASP D 118 -17.40 24.56 -27.48
CA ASP D 118 -18.23 23.40 -27.22
C ASP D 118 -17.71 22.15 -27.92
N THR D 119 -16.60 22.28 -28.66
CA THR D 119 -16.10 21.13 -29.42
C THR D 119 -14.78 20.52 -28.90
N LEU D 120 -14.69 19.20 -28.96
CA LEU D 120 -13.48 18.44 -28.67
C LEU D 120 -12.72 18.20 -29.95
N VAL D 121 -11.54 18.80 -30.06
CA VAL D 121 -10.73 18.71 -31.26
C VAL D 121 -9.46 17.86 -31.07
N ASN D 122 -9.20 16.99 -32.04
CA ASN D 122 -7.96 16.24 -32.08
C ASN D 122 -7.06 16.69 -33.23
N ARG D 123 -5.93 17.29 -32.90
CA ARG D 123 -5.00 17.83 -33.90
C ARG D 123 -3.69 17.06 -33.98
N ILE D 124 -3.47 16.44 -35.15
CA ILE D 124 -2.43 15.43 -35.31
C ILE D 124 -1.37 15.77 -36.36
N GLU D 125 -0.11 15.51 -35.99
CA GLU D 125 1.01 15.45 -36.93
C GLU D 125 1.56 14.01 -36.90
N LEU D 126 1.65 13.37 -38.07
CA LEU D 126 2.17 12.00 -38.18
C LEU D 126 3.28 11.89 -39.22
N LYS D 127 4.29 11.04 -38.97
CA LYS D 127 5.46 10.95 -39.85
C LYS D 127 6.03 9.53 -40.00
N GLY D 128 5.64 8.84 -41.08
CA GLY D 128 6.07 7.47 -41.33
C GLY D 128 7.34 7.34 -42.18
N ILE D 129 8.21 6.40 -41.78
CA ILE D 129 9.49 6.15 -42.46
C ILE D 129 9.79 4.65 -42.49
N ASP D 130 10.59 4.22 -43.46
CA ASP D 130 11.13 2.86 -43.53
C ASP D 130 10.12 1.81 -43.97
N PHE D 131 9.07 2.22 -44.65
CA PHE D 131 8.13 1.21 -45.12
C PHE D 131 8.66 0.52 -46.39
N LYS D 132 8.18 -0.68 -46.66
CA LYS D 132 8.60 -1.43 -47.83
C LYS D 132 7.61 -1.27 -48.96
N GLU D 133 7.98 -0.56 -50.02
CA GLU D 133 7.10 -0.33 -51.19
C GLU D 133 6.24 -1.53 -51.65
N ASP D 134 6.58 -2.73 -51.20
CA ASP D 134 5.83 -3.93 -51.53
C ASP D 134 5.15 -4.52 -50.31
N GLY D 135 5.29 -3.84 -49.17
CA GLY D 135 4.80 -4.35 -47.91
C GLY D 135 3.28 -4.49 -47.77
N ASN D 136 2.83 -4.67 -46.52
CA ASN D 136 1.41 -4.78 -46.26
C ASN D 136 0.72 -3.39 -46.33
N ILE D 137 1.32 -2.42 -45.64
CA ILE D 137 0.90 -1.02 -45.70
C ILE D 137 0.92 -0.49 -47.14
N LEU D 138 2.11 -0.05 -47.58
CA LEU D 138 2.28 0.70 -48.82
C LEU D 138 1.84 -0.07 -50.03
N GLY D 139 1.69 -1.38 -49.90
CA GLY D 139 1.15 -2.21 -50.95
C GLY D 139 -0.37 -2.32 -50.88
N HIS D 140 -0.97 -1.79 -49.80
CA HIS D 140 -2.41 -1.90 -49.56
C HIS D 140 -2.94 -3.34 -49.55
N LYS D 141 -2.50 -4.12 -48.57
CA LYS D 141 -2.91 -5.52 -48.43
C LYS D 141 -3.73 -5.74 -47.16
N LEU D 142 -3.97 -4.65 -46.44
CA LEU D 142 -4.84 -4.69 -45.29
C LEU D 142 -6.29 -4.78 -45.73
N GLU D 143 -7.07 -5.51 -44.94
CA GLU D 143 -8.49 -5.68 -45.16
C GLU D 143 -9.22 -4.52 -44.49
N TYR D 144 -10.28 -4.04 -45.13
CA TYR D 144 -11.08 -2.93 -44.58
C TYR D 144 -11.88 -3.35 -43.35
N ASN D 145 -11.20 -3.62 -42.26
CA ASN D 145 -11.88 -4.04 -41.04
C ASN D 145 -11.04 -3.86 -39.81
N TYR D 146 -11.56 -4.33 -38.68
CA TYR D 146 -10.89 -4.10 -37.42
C TYR D 146 -11.26 -5.15 -36.40
N ASN D 147 -10.42 -5.27 -35.37
CA ASN D 147 -10.58 -6.25 -34.31
C ASN D 147 -10.66 -5.53 -32.98
N SER D 148 -10.77 -6.30 -31.89
CA SER D 148 -10.95 -5.71 -30.58
C SER D 148 -9.69 -5.83 -29.76
N HIS D 149 -9.38 -4.81 -28.97
CA HIS D 149 -8.11 -4.78 -28.26
C HIS D 149 -8.25 -4.27 -26.83
N ASN D 150 -7.23 -4.45 -26.01
CA ASN D 150 -7.24 -3.96 -24.64
C ASN D 150 -6.08 -2.99 -24.43
N VAL D 151 -6.39 -1.80 -23.92
CA VAL D 151 -5.47 -0.66 -23.96
C VAL D 151 -4.85 -0.42 -22.58
N TYR D 152 -3.81 -1.17 -22.24
CA TYR D 152 -3.28 -1.14 -20.88
C TYR D 152 -2.67 0.20 -20.47
N ILE D 153 -3.33 0.85 -19.50
CA ILE D 153 -2.89 2.13 -18.96
C ILE D 153 -2.05 1.90 -17.70
N MET D 154 -1.24 2.89 -17.36
CA MET D 154 -0.28 2.80 -16.27
C MET D 154 0.13 4.23 -15.94
N ALA D 155 0.21 4.56 -14.66
CA ALA D 155 0.56 5.91 -14.28
C ALA D 155 2.06 6.17 -14.45
N ASP D 156 2.40 7.42 -14.75
CA ASP D 156 3.76 7.89 -14.71
C ASP D 156 3.80 9.04 -13.71
N LYS D 157 3.96 8.69 -12.44
CA LYS D 157 3.83 9.66 -11.36
C LYS D 157 4.92 10.73 -11.42
N GLN D 158 6.05 10.38 -12.04
CA GLN D 158 7.16 11.31 -12.16
C GLN D 158 6.88 12.39 -13.21
N LYS D 159 6.26 12.00 -14.33
CA LYS D 159 6.01 12.94 -15.42
C LYS D 159 4.55 13.42 -15.48
N ASN D 160 3.80 13.16 -14.41
CA ASN D 160 2.43 13.67 -14.23
C ASN D 160 1.49 13.30 -15.40
N GLY D 161 1.75 12.16 -16.02
CA GLY D 161 0.91 11.72 -17.11
C GLY D 161 0.75 10.23 -17.02
N ILE D 162 0.36 9.60 -18.12
CA ILE D 162 0.26 8.14 -18.15
C ILE D 162 1.16 7.55 -19.22
N LYS D 163 1.43 6.26 -19.09
CA LYS D 163 2.13 5.51 -20.13
C LYS D 163 1.16 4.45 -20.66
N VAL D 164 1.03 4.36 -21.97
CA VAL D 164 0.07 3.42 -22.52
C VAL D 164 0.72 2.49 -23.52
N ASN D 165 0.29 1.23 -23.55
CA ASN D 165 0.78 0.33 -24.58
C ASN D 165 -0.25 -0.73 -24.98
N PHE D 166 -0.20 -1.16 -26.22
CA PHE D 166 -1.08 -2.22 -26.74
C PHE D 166 -0.62 -2.69 -28.09
N LYS D 167 -1.28 -3.72 -28.60
CA LYS D 167 -0.85 -4.34 -29.84
C LYS D 167 -2.04 -4.62 -30.75
N ILE D 168 -2.14 -3.83 -31.80
CA ILE D 168 -3.24 -3.95 -32.77
C ILE D 168 -2.95 -5.03 -33.79
N ARG D 169 -3.93 -5.91 -34.02
CA ARG D 169 -3.85 -6.87 -35.12
C ARG D 169 -4.62 -6.35 -36.34
N HIS D 170 -3.95 -6.21 -37.49
CA HIS D 170 -4.65 -5.94 -38.75
C HIS D 170 -4.81 -7.21 -39.59
N ASN D 171 -5.99 -7.45 -40.14
CA ASN D 171 -6.20 -8.60 -41.01
C ASN D 171 -5.68 -8.31 -42.40
N ILE D 172 -5.23 -9.36 -43.10
CA ILE D 172 -4.73 -9.30 -44.48
C ILE D 172 -5.50 -10.37 -45.26
N GLU D 173 -5.53 -10.31 -46.59
CA GLU D 173 -6.38 -11.28 -47.31
C GLU D 173 -5.92 -12.75 -47.28
N ASP D 174 -4.61 -12.99 -47.19
CA ASP D 174 -4.12 -14.36 -47.15
C ASP D 174 -4.41 -15.08 -45.81
N GLY D 175 -5.04 -14.36 -44.88
CA GLY D 175 -5.38 -14.94 -43.59
C GLY D 175 -4.40 -14.57 -42.49
N SER D 176 -3.28 -13.95 -42.88
CA SER D 176 -2.26 -13.57 -41.91
C SER D 176 -2.60 -12.25 -41.26
N VAL D 177 -1.75 -11.80 -40.35
CA VAL D 177 -2.11 -10.71 -39.44
C VAL D 177 -0.94 -9.74 -39.18
N GLN D 178 -1.08 -8.51 -39.67
CA GLN D 178 -0.05 -7.50 -39.50
C GLN D 178 -0.05 -6.88 -38.11
N LEU D 179 1.02 -7.06 -37.33
CA LEU D 179 1.01 -6.55 -35.96
C LEU D 179 1.40 -5.08 -35.92
N ALA D 180 0.82 -4.33 -34.99
CA ALA D 180 1.13 -2.90 -34.85
C ALA D 180 1.43 -2.47 -33.41
N ASP D 181 2.61 -2.84 -32.93
CA ASP D 181 3.04 -2.56 -31.57
C ASP D 181 3.01 -1.05 -31.21
N HIS D 182 2.08 -0.65 -30.34
CA HIS D 182 1.89 0.77 -29.98
C HIS D 182 2.48 1.18 -28.64
N TYR D 183 3.29 2.24 -28.63
CA TYR D 183 3.85 2.81 -27.40
C TYR D 183 3.41 4.27 -27.22
N GLN D 184 2.51 4.51 -26.27
CA GLN D 184 1.85 5.82 -26.14
C GLN D 184 2.16 6.57 -24.85
N GLN D 185 2.11 7.90 -24.89
CA GLN D 185 2.25 8.67 -23.66
C GLN D 185 1.46 9.97 -23.65
N ASN D 186 0.81 10.23 -22.51
CA ASN D 186 -0.07 11.38 -22.36
C ASN D 186 0.37 12.34 -21.25
N THR D 187 0.08 13.62 -21.45
CA THR D 187 0.60 14.70 -20.61
C THR D 187 -0.22 15.99 -20.70
N PRO D 188 -0.72 16.48 -19.55
CA PRO D 188 -1.55 17.69 -19.48
C PRO D 188 -0.86 18.98 -19.91
N ILE D 189 -1.46 19.61 -20.91
CA ILE D 189 -1.14 20.97 -21.30
C ILE D 189 -1.41 21.91 -20.13
N GLY D 190 -2.47 21.59 -19.38
CA GLY D 190 -2.91 22.41 -18.27
C GLY D 190 -2.08 22.27 -17.00
N ASP D 191 -2.10 23.32 -16.17
CA ASP D 191 -1.27 23.37 -14.97
C ASP D 191 -2.00 22.81 -13.74
N GLY D 192 -3.31 22.67 -13.85
CA GLY D 192 -4.12 22.10 -12.79
C GLY D 192 -3.88 20.61 -12.58
N PRO D 193 -4.33 20.07 -11.44
CA PRO D 193 -4.07 18.67 -11.09
C PRO D 193 -4.97 17.70 -11.88
N VAL D 194 -4.47 16.48 -12.05
CA VAL D 194 -5.17 15.46 -12.82
C VAL D 194 -5.14 14.15 -12.05
N LEU D 195 -6.01 13.23 -12.42
CA LEU D 195 -6.08 11.94 -11.76
C LEU D 195 -5.00 11.03 -12.29
N LEU D 196 -4.20 10.44 -11.40
CA LEU D 196 -3.15 9.53 -11.84
C LEU D 196 -3.52 8.11 -11.44
N PRO D 197 -4.02 7.33 -12.41
CA PRO D 197 -4.70 6.04 -12.22
C PRO D 197 -3.85 4.87 -11.69
N ASP D 198 -4.54 3.89 -11.13
CA ASP D 198 -3.96 2.58 -10.87
C ASP D 198 -4.01 1.83 -12.19
N ASN D 199 -3.26 0.75 -12.31
CA ASN D 199 -3.27 -0.07 -13.51
C ASN D 199 -4.66 -0.56 -13.87
N HIS D 200 -5.11 -0.22 -15.07
CA HIS D 200 -6.33 -0.80 -15.65
C HIS D 200 -6.20 -0.81 -17.15
N TYR D 201 -7.26 -1.23 -17.86
CA TYR D 201 -7.23 -1.24 -19.31
C TYR D 201 -8.53 -0.70 -19.93
N LEU D 202 -8.54 -0.42 -21.23
CA LEU D 202 -9.76 0.00 -21.93
C LEU D 202 -10.10 -1.07 -22.96
N SER D 203 -11.29 -1.62 -22.89
CA SER D 203 -11.65 -2.64 -23.84
C SER D 203 -12.26 -1.92 -25.02
N THR D 204 -11.57 -1.97 -26.16
CA THR D 204 -12.05 -1.27 -27.36
C THR D 204 -12.64 -2.24 -28.38
N GLN D 205 -13.69 -1.79 -29.06
CA GLN D 205 -14.24 -2.44 -30.25
C GLN D 205 -14.60 -1.38 -31.29
N SER D 206 -14.35 -1.72 -32.56
CA SER D 206 -14.47 -0.79 -33.67
C SER D 206 -14.98 -1.52 -34.92
N ASN D 207 -15.72 -0.81 -35.78
CA ASN D 207 -16.03 -1.25 -37.13
C ASN D 207 -15.85 -0.11 -38.13
N LEU D 208 -15.44 -0.48 -39.35
CA LEU D 208 -15.16 0.49 -40.39
C LEU D 208 -16.12 0.33 -41.56
N SER D 209 -16.66 1.46 -42.02
CA SER D 209 -17.68 1.48 -43.08
C SER D 209 -17.55 2.63 -44.08
N LYS D 210 -18.36 2.53 -45.15
CA LYS D 210 -18.45 3.57 -46.18
C LYS D 210 -19.84 4.21 -46.24
N ASP D 211 -19.86 5.54 -46.30
CA ASP D 211 -21.02 6.33 -46.72
C ASP D 211 -21.31 6.18 -48.22
N PRO D 212 -22.54 5.84 -48.60
CA PRO D 212 -22.82 5.65 -50.03
C PRO D 212 -23.19 6.92 -50.82
N ASN D 213 -23.17 8.09 -50.17
CA ASN D 213 -23.40 9.37 -50.86
C ASN D 213 -22.16 10.25 -50.72
N GLU D 214 -21.02 9.58 -50.61
CA GLU D 214 -19.76 10.24 -50.41
C GLU D 214 -18.78 9.68 -51.41
N LYS D 215 -18.23 10.55 -52.26
CA LYS D 215 -17.43 10.09 -53.40
C LYS D 215 -15.94 10.35 -53.25
N ARG D 216 -15.58 11.24 -52.31
CA ARG D 216 -14.18 11.42 -51.92
C ARG D 216 -13.69 10.21 -51.08
N ASP D 217 -12.36 10.02 -50.99
CA ASP D 217 -11.81 8.92 -50.19
C ASP D 217 -12.10 9.14 -48.69
N HIS D 218 -12.81 8.18 -48.09
CA HIS D 218 -13.35 8.37 -46.74
C HIS D 218 -13.50 7.08 -45.91
N MET D 219 -13.52 7.26 -44.59
CA MET D 219 -13.83 6.18 -43.65
C MET D 219 -14.87 6.63 -42.63
N VAL D 220 -15.94 5.83 -42.47
CA VAL D 220 -16.87 5.93 -41.34
C VAL D 220 -16.39 5.05 -40.18
N LEU D 221 -16.00 5.69 -39.08
CA LEU D 221 -15.44 5.01 -37.90
C LEU D 221 -16.38 4.97 -36.69
N LEU D 222 -16.79 3.77 -36.29
CA LEU D 222 -17.54 3.55 -35.05
C LEU D 222 -16.72 2.81 -33.98
N GLU D 223 -16.44 3.51 -32.90
CA GLU D 223 -15.73 2.95 -31.74
C GLU D 223 -16.63 2.71 -30.53
N PHE D 224 -16.41 1.58 -29.85
CA PHE D 224 -16.96 1.34 -28.52
C PHE D 224 -15.80 1.28 -27.53
N VAL D 225 -15.89 1.99 -26.40
CA VAL D 225 -14.80 1.96 -25.43
C VAL D 225 -15.28 1.89 -23.98
N THR D 226 -14.87 0.85 -23.25
CA THR D 226 -15.19 0.73 -21.82
C THR D 226 -13.96 0.49 -20.92
N ALA D 227 -13.84 1.26 -19.84
CA ALA D 227 -12.81 1.01 -18.83
C ALA D 227 -13.14 -0.19 -17.93
N ALA D 228 -12.10 -0.90 -17.50
CA ALA D 228 -12.26 -2.17 -16.78
C ALA D 228 -10.97 -2.50 -16.03
N GLY D 229 -10.80 -3.76 -15.62
CA GLY D 229 -9.54 -4.21 -15.04
C GLY D 229 -9.24 -3.92 -13.58
N ILE D 230 -9.99 -3.02 -12.96
CA ILE D 230 -9.96 -2.83 -11.52
C ILE D 230 -11.19 -3.52 -10.95
N THR D 231 -11.02 -4.32 -9.91
CA THR D 231 -12.13 -5.08 -9.31
C THR D 231 -13.36 -4.21 -9.02
N ALA D 235 -6.45 -5.73 -1.18
CA ALA D 235 -6.01 -6.47 0.01
C ALA D 235 -4.49 -6.49 0.19
N SER D 236 -4.01 -7.48 0.94
CA SER D 236 -2.57 -7.69 1.08
C SER D 236 -2.13 -8.65 -0.01
N THR D 237 -3.13 -9.25 -0.67
CA THR D 237 -2.91 -10.10 -1.83
C THR D 237 -2.21 -9.29 -2.93
N LYS D 238 -2.42 -7.99 -2.90
CA LYS D 238 -1.72 -7.06 -3.78
C LYS D 238 -0.21 -7.26 -3.64
N LYS D 239 0.29 -7.10 -2.42
CA LYS D 239 1.72 -7.14 -2.11
C LYS D 239 2.43 -8.43 -2.54
N LEU D 240 1.66 -9.50 -2.65
CA LEU D 240 2.19 -10.82 -2.99
C LEU D 240 2.53 -10.97 -4.47
N SER D 241 1.56 -10.61 -5.31
CA SER D 241 1.69 -10.72 -6.76
C SER D 241 2.66 -9.69 -7.32
N GLU D 242 2.97 -8.67 -6.53
CA GLU D 242 3.99 -7.71 -6.93
C GLU D 242 5.33 -8.42 -7.00
N SER D 243 5.51 -9.38 -6.09
CA SER D 243 6.74 -10.18 -6.02
C SER D 243 6.77 -11.27 -7.10
N LEU D 244 5.67 -12.03 -7.19
CA LEU D 244 5.52 -13.04 -8.23
C LEU D 244 5.79 -12.42 -9.59
N LYS D 245 5.28 -11.20 -9.75
CA LYS D 245 5.59 -10.37 -10.91
C LYS D 245 7.10 -10.33 -11.14
N ARG D 246 7.84 -9.69 -10.23
CA ARG D 246 9.28 -9.48 -10.45
C ARG D 246 10.07 -10.78 -10.62
N ILE D 247 9.68 -11.84 -9.90
CA ILE D 247 10.39 -13.11 -9.96
C ILE D 247 10.29 -13.76 -11.35
N GLY D 248 9.10 -13.69 -11.96
CA GLY D 248 8.91 -14.16 -13.32
C GLY D 248 9.49 -13.15 -14.30
N ASP D 249 9.63 -11.90 -13.82
CA ASP D 249 10.14 -10.80 -14.64
C ASP D 249 11.65 -10.87 -14.82
N GLU D 250 12.38 -10.78 -13.70
CA GLU D 250 13.84 -10.94 -13.70
C GLU D 250 14.22 -12.20 -14.46
N LEU D 251 13.40 -13.22 -14.29
CA LEU D 251 13.55 -14.51 -14.97
C LEU D 251 13.50 -14.35 -16.49
N ASP D 252 12.42 -13.80 -17.01
CA ASP D 252 12.27 -13.69 -18.45
C ASP D 252 13.21 -12.63 -19.03
N SER D 253 13.66 -11.70 -18.19
CA SER D 253 14.55 -10.64 -18.64
C SER D 253 16.03 -10.91 -18.38
N ASN D 254 16.34 -11.97 -17.63
CA ASN D 254 17.73 -12.36 -17.36
C ASN D 254 18.48 -12.74 -18.63
N MET D 255 19.24 -11.79 -19.16
CA MET D 255 19.87 -11.93 -20.46
C MET D 255 20.90 -13.06 -20.51
N GLU D 256 21.47 -13.39 -19.35
CA GLU D 256 22.40 -14.52 -19.24
C GLU D 256 21.71 -15.77 -19.73
N LEU D 257 20.61 -16.07 -19.04
CA LEU D 257 19.82 -17.27 -19.25
C LEU D 257 19.22 -17.37 -20.66
N GLN D 258 18.58 -16.29 -21.11
CA GLN D 258 17.94 -16.27 -22.42
C GLN D 258 18.95 -16.60 -23.52
N ARG D 259 20.13 -15.97 -23.44
CA ARG D 259 21.23 -16.25 -24.36
C ARG D 259 21.63 -17.72 -24.29
N MET D 260 21.81 -18.21 -23.06
CA MET D 260 22.23 -19.58 -22.78
C MET D 260 21.34 -20.64 -23.41
N ILE D 261 20.03 -20.45 -23.34
CA ILE D 261 19.10 -21.46 -23.83
C ILE D 261 18.96 -21.39 -25.34
N ALA D 262 18.91 -20.18 -25.89
CA ALA D 262 18.92 -19.99 -27.33
C ALA D 262 20.14 -20.72 -27.90
N ALA D 263 21.27 -20.53 -27.24
CA ALA D 263 22.48 -21.28 -27.58
C ALA D 263 22.39 -22.73 -27.10
N VAL D 264 21.66 -23.54 -27.84
CA VAL D 264 21.64 -24.99 -27.61
C VAL D 264 21.23 -25.75 -28.88
N ASP D 265 21.78 -26.95 -29.06
CA ASP D 265 21.53 -27.75 -30.26
C ASP D 265 20.29 -28.63 -30.07
N THR D 266 19.20 -28.23 -30.72
CA THR D 266 17.90 -28.82 -30.46
C THR D 266 17.24 -29.41 -31.71
N ASP D 267 18.06 -29.93 -32.62
CA ASP D 267 17.55 -30.68 -33.77
C ASP D 267 17.24 -32.10 -33.31
N SER D 268 18.08 -32.59 -32.41
CA SER D 268 17.85 -33.83 -31.68
C SER D 268 17.61 -33.45 -30.22
N PRO D 269 16.39 -32.96 -29.91
CA PRO D 269 16.07 -32.29 -28.64
C PRO D 269 15.92 -33.24 -27.45
N ARG D 270 15.33 -34.42 -27.68
CA ARG D 270 15.01 -35.38 -26.63
C ARG D 270 16.18 -35.73 -25.69
N GLU D 271 17.36 -35.98 -26.27
CA GLU D 271 18.55 -36.28 -25.48
C GLU D 271 18.97 -35.06 -24.67
N VAL D 272 18.95 -33.89 -25.32
CA VAL D 272 19.43 -32.65 -24.74
C VAL D 272 18.70 -32.33 -23.43
N PHE D 273 17.39 -32.49 -23.42
CA PHE D 273 16.59 -32.24 -22.23
C PHE D 273 16.95 -33.23 -21.12
N PHE D 274 16.92 -34.52 -21.46
CA PHE D 274 17.15 -35.58 -20.48
C PHE D 274 18.50 -35.48 -19.77
N ARG D 275 19.56 -35.17 -20.52
CA ARG D 275 20.89 -35.09 -19.94
C ARG D 275 21.01 -33.88 -19.03
N VAL D 276 20.45 -32.76 -19.47
CA VAL D 276 20.43 -31.53 -18.67
C VAL D 276 19.57 -31.75 -17.43
N ALA D 277 18.51 -32.54 -17.59
CA ALA D 277 17.65 -32.93 -16.48
C ALA D 277 18.47 -33.75 -15.48
N ALA D 278 19.16 -34.77 -15.99
CA ALA D 278 19.96 -35.66 -15.16
C ALA D 278 21.22 -34.97 -14.62
N ASP D 279 21.69 -33.93 -15.31
CA ASP D 279 22.83 -33.17 -14.81
C ASP D 279 22.39 -32.27 -13.64
N MET D 280 21.19 -31.72 -13.74
CA MET D 280 20.63 -30.91 -12.67
C MET D 280 20.49 -31.73 -11.39
N PHE D 281 20.30 -33.03 -11.56
CA PHE D 281 19.97 -33.92 -10.44
C PHE D 281 21.04 -34.96 -10.16
N SER D 282 22.29 -34.58 -10.43
CA SER D 282 23.44 -35.43 -10.13
C SER D 282 23.83 -35.29 -8.66
N ASP D 283 23.50 -34.13 -8.09
CA ASP D 283 23.67 -33.91 -6.66
C ASP D 283 22.44 -34.41 -5.90
N GLY D 284 21.39 -34.72 -6.66
CA GLY D 284 20.21 -35.39 -6.14
C GLY D 284 19.52 -34.66 -5.00
N ASN D 285 19.59 -33.33 -5.06
CA ASN D 285 18.93 -32.45 -4.10
C ASN D 285 17.71 -31.78 -4.75
N PHE D 286 16.62 -32.54 -4.87
CA PHE D 286 15.37 -32.10 -5.49
C PHE D 286 14.64 -31.07 -4.62
N ASN D 287 14.17 -30.01 -5.25
CA ASN D 287 13.24 -29.07 -4.65
C ASN D 287 12.34 -28.49 -5.75
N TRP D 288 11.11 -28.12 -5.38
CA TRP D 288 10.12 -27.64 -6.34
C TRP D 288 10.61 -26.51 -7.25
N GLY D 289 11.56 -25.72 -6.75
CA GLY D 289 12.16 -24.66 -7.55
C GLY D 289 12.79 -25.19 -8.82
N ARG D 290 13.49 -26.31 -8.72
CA ARG D 290 14.15 -26.92 -9.87
C ARG D 290 13.15 -27.64 -10.78
N VAL D 291 12.15 -28.25 -10.18
CA VAL D 291 11.06 -28.90 -10.90
C VAL D 291 10.41 -27.88 -11.83
N VAL D 292 10.28 -26.65 -11.32
CA VAL D 292 9.66 -25.57 -12.07
C VAL D 292 10.65 -24.95 -13.06
N ALA D 293 11.89 -24.73 -12.62
CA ALA D 293 12.90 -24.15 -13.51
C ALA D 293 13.24 -25.08 -14.66
N LEU D 294 13.05 -26.38 -14.44
CA LEU D 294 13.23 -27.33 -15.51
C LEU D 294 11.95 -27.45 -16.33
N PHE D 295 10.83 -27.05 -15.73
CA PHE D 295 9.56 -27.02 -16.44
C PHE D 295 9.39 -25.70 -17.20
N TYR D 296 10.31 -24.76 -16.98
CA TYR D 296 10.40 -23.54 -17.79
C TYR D 296 11.32 -23.91 -18.94
N PHE D 297 12.23 -24.85 -18.68
CA PHE D 297 13.11 -25.33 -19.73
C PHE D 297 12.33 -26.19 -20.73
N ALA D 298 11.81 -27.33 -20.27
CA ALA D 298 10.95 -28.18 -21.10
C ALA D 298 9.81 -27.37 -21.74
N SER D 299 9.41 -26.29 -21.07
CA SER D 299 8.53 -25.29 -21.66
C SER D 299 9.19 -24.71 -22.91
N LYS D 300 10.30 -23.98 -22.72
CA LYS D 300 11.02 -23.33 -23.81
C LYS D 300 11.44 -24.27 -24.97
N LEU D 301 11.38 -25.58 -24.74
CA LEU D 301 11.64 -26.56 -25.80
C LEU D 301 10.38 -26.78 -26.64
N VAL D 302 9.92 -25.71 -27.26
CA VAL D 302 8.68 -25.70 -28.02
C VAL D 302 8.77 -24.75 -29.21
N LEU D 303 8.95 -23.45 -28.93
CA LEU D 303 8.90 -22.39 -29.94
C LEU D 303 9.81 -22.62 -31.15
#